data_6A9E
#
_entry.id   6A9E
#
_cell.length_a   86.451
_cell.length_b   62.695
_cell.length_c   86.317
_cell.angle_alpha   90.00
_cell.angle_beta   91.83
_cell.angle_gamma   90.00
#
_symmetry.space_group_name_H-M   'P 1 21 1'
#
_entity_poly.entity_id   1
_entity_poly.type   'polypeptide(L)'
_entity_poly.pdbx_seq_one_letter_code
;(MSE)NIFE(MSE)LRIDEGLRLKIYKNTEGYYTIGIGHLLTKSPSLNAAKSELDKAIGRNTNGVITKDEAEKLFNQDVD
AAVRGILRNAKLKPVYDSLDAVRRAALIN(MSE)VFQ(MSE)GETGVAGFTNSLR(MSE)LQQKRWDEAAVNLAKSRWYN
QTPNRAKRVITTFRTGTWDAYAAARTVQRRLLAFALRKLIGSILLENVQPEDIDILFSKGVL(MSE)LSNLQLNCSFLNA
VVSLP(MSE)INFTKGTLRRLILRLNVTDIVNLNVELEVNGLSLEIELVPPDESLSSTTYEDAPSQLDILDNVVEY
(MSE)NKTASQDFEDEVINEGLESEIDGSSHNLLDSILQKCLASTSVL(MSE)QDALVYIGTAN(MSE)STRLEAKLDF
(MSE)SFSSVKSNSTSRLLNINGITVS(MSE)VRPISHHHHH
;
_entity_poly.pdbx_strand_id   A,B
#
# COMPACT_ATOMS: atom_id res chain seq x y z
N ASN A 2 1.06 8.01 -10.49
CA ASN A 2 0.01 7.50 -11.36
C ASN A 2 -1.26 8.34 -11.21
N ILE A 3 -2.32 7.95 -11.91
CA ILE A 3 -3.58 8.68 -11.85
C ILE A 3 -4.22 8.55 -10.47
N PHE A 4 -4.07 7.37 -9.87
CA PHE A 4 -4.65 7.10 -8.57
C PHE A 4 -4.02 8.00 -7.51
N GLU A 5 -2.71 8.23 -7.62
CA GLU A 5 -2.01 9.08 -6.67
C GLU A 5 -2.45 10.54 -6.78
N LEU A 7 -5.25 11.65 -7.99
CA LEU A 7 -6.63 11.72 -7.57
C LEU A 7 -6.75 11.62 -6.06
N ARG A 8 -5.84 10.86 -5.45
CA ARG A 8 -5.79 10.75 -3.99
C ARG A 8 -5.37 12.08 -3.39
N ILE A 9 -4.45 12.76 -4.07
CA ILE A 9 -4.01 14.09 -3.65
C ILE A 9 -5.16 15.08 -3.76
N ASP A 10 -5.91 14.99 -4.85
CA ASP A 10 -6.98 15.95 -5.13
C ASP A 10 -8.23 15.73 -4.27
N GLU A 11 -8.52 14.47 -3.93
CA GLU A 11 -9.75 14.15 -3.22
C GLU A 11 -9.53 13.82 -1.73
N GLY A 12 -8.35 13.33 -1.39
CA GLY A 12 -8.08 12.91 -0.03
C GLY A 12 -8.87 11.65 0.33
N LEU A 13 -9.24 11.53 1.60
CA LEU A 13 -10.03 10.39 2.05
C LEU A 13 -10.95 10.79 3.20
N ARG A 14 -12.19 10.30 3.17
CA ARG A 14 -13.16 10.61 4.20
C ARG A 14 -14.11 9.43 4.46
N LEU A 15 -14.35 9.16 5.75
CA LEU A 15 -15.16 8.01 6.14
C LEU A 15 -16.64 8.37 6.25
N LYS A 16 -16.94 9.61 6.63
CA LYS A 16 -18.31 10.07 6.76
C LYS A 16 -18.75 10.82 5.50
N ILE A 17 -20.05 10.97 5.32
CA ILE A 17 -20.60 11.66 4.16
C ILE A 17 -20.20 13.14 4.15
N TYR A 18 -19.62 13.59 3.04
CA TYR A 18 -19.17 14.97 2.94
C TYR A 18 -19.62 15.61 1.63
N LYS A 19 -19.78 16.93 1.66
CA LYS A 19 -20.13 17.69 0.46
C LYS A 19 -18.89 18.00 -0.36
N ASN A 20 -18.87 17.53 -1.61
CA ASN A 20 -17.71 17.71 -2.48
C ASN A 20 -17.49 19.15 -2.92
N THR A 21 -16.56 19.32 -3.86
CA THR A 21 -16.22 20.63 -4.39
C THR A 21 -17.40 21.30 -5.12
N GLU A 22 -18.30 20.49 -5.64
CA GLU A 22 -19.45 21.00 -6.39
C GLU A 22 -20.65 21.24 -5.48
N GLY A 23 -20.59 20.70 -4.26
CA GLY A 23 -21.67 20.86 -3.30
C GLY A 23 -22.52 19.63 -3.16
N TYR A 24 -22.33 18.67 -4.06
CA TYR A 24 -23.12 17.44 -4.05
C TYR A 24 -22.62 16.45 -3.00
N TYR A 25 -23.44 15.45 -2.67
CA TYR A 25 -23.08 14.48 -1.65
C TYR A 25 -22.14 13.41 -2.19
N THR A 26 -21.07 13.19 -1.43
CA THR A 26 -19.92 12.41 -1.88
C THR A 26 -19.35 11.58 -0.72
N ILE A 27 -18.76 10.43 -1.04
CA ILE A 27 -18.16 9.55 -0.05
C ILE A 27 -16.83 9.00 -0.56
N GLY A 28 -16.01 8.47 0.35
CA GLY A 28 -14.77 7.84 -0.02
C GLY A 28 -13.76 8.79 -0.66
N ILE A 29 -13.08 8.30 -1.69
CA ILE A 29 -12.13 9.11 -2.43
C ILE A 29 -12.81 9.74 -3.63
N GLY A 30 -13.60 10.78 -3.37
CA GLY A 30 -14.28 11.54 -4.40
C GLY A 30 -15.40 10.81 -5.13
N HIS A 31 -15.99 9.81 -4.48
CA HIS A 31 -17.12 9.11 -5.07
C HIS A 31 -18.41 9.87 -4.82
N LEU A 32 -18.96 10.48 -5.87
CA LEU A 32 -20.15 11.30 -5.74
C LEU A 32 -21.38 10.43 -5.53
N LEU A 33 -21.95 10.51 -4.33
CA LEU A 33 -23.14 9.73 -4.02
C LEU A 33 -24.35 10.27 -4.77
N THR A 34 -24.72 11.52 -4.52
CA THR A 34 -25.90 12.08 -5.17
C THR A 34 -25.81 13.56 -5.46
N LYS A 35 -26.66 14.01 -6.38
CA LYS A 35 -26.80 15.42 -6.72
C LYS A 35 -27.83 16.07 -5.80
N SER A 36 -28.72 15.24 -5.27
CA SER A 36 -29.76 15.70 -4.35
C SER A 36 -29.16 16.29 -3.08
N PRO A 37 -29.82 17.31 -2.51
CA PRO A 37 -29.33 17.96 -1.29
C PRO A 37 -29.87 17.31 -0.02
N SER A 38 -30.42 16.11 -0.14
CA SER A 38 -30.94 15.39 1.02
C SER A 38 -30.08 14.16 1.34
N LEU A 39 -29.67 14.06 2.60
CA LEU A 39 -28.77 13.00 3.05
C LEU A 39 -29.44 11.63 2.99
N ASN A 40 -30.73 11.59 3.32
CA ASN A 40 -31.48 10.34 3.31
C ASN A 40 -31.57 9.76 1.92
N ALA A 41 -31.71 10.63 0.93
CA ALA A 41 -31.73 10.22 -0.47
C ALA A 41 -30.32 9.94 -0.96
N ALA A 42 -29.34 10.42 -0.21
CA ALA A 42 -27.94 10.19 -0.53
C ALA A 42 -27.50 8.81 -0.05
N LYS A 43 -28.20 8.28 0.95
CA LYS A 43 -27.88 6.97 1.51
C LYS A 43 -28.07 5.82 0.51
N SER A 44 -28.75 6.08 -0.59
CA SER A 44 -29.16 5.01 -1.51
C SER A 44 -28.00 4.37 -2.28
N GLU A 45 -27.24 5.19 -2.99
CA GLU A 45 -26.17 4.71 -3.86
C GLU A 45 -25.15 3.85 -3.13
N LEU A 46 -24.77 4.28 -1.93
CA LEU A 46 -23.80 3.56 -1.11
C LEU A 46 -24.28 2.14 -0.76
N ASP A 47 -25.47 2.07 -0.18
CA ASP A 47 -26.09 0.80 0.18
C ASP A 47 -26.27 -0.08 -1.04
N LYS A 48 -26.52 0.53 -2.19
CA LYS A 48 -26.66 -0.20 -3.44
C LYS A 48 -25.32 -0.79 -3.85
N ALA A 49 -24.26 -0.03 -3.61
CA ALA A 49 -22.90 -0.45 -3.96
C ALA A 49 -22.48 -1.62 -3.09
N ILE A 50 -22.74 -1.54 -1.79
CA ILE A 50 -22.33 -2.57 -0.86
C ILE A 50 -23.35 -3.72 -0.81
N GLY A 51 -24.62 -3.38 -0.61
CA GLY A 51 -25.67 -4.38 -0.56
C GLY A 51 -26.21 -4.60 0.84
N ARG A 52 -25.79 -3.74 1.77
CA ARG A 52 -26.26 -3.83 3.15
C ARG A 52 -26.43 -2.43 3.74
N ASN A 53 -27.24 -2.33 4.79
CA ASN A 53 -27.50 -1.05 5.44
C ASN A 53 -26.25 -0.55 6.16
N THR A 54 -25.88 0.69 5.88
CA THR A 54 -24.61 1.23 6.38
C THR A 54 -24.78 2.52 7.18
N ASN A 55 -25.94 3.18 6.99
CA ASN A 55 -26.18 4.51 7.56
C ASN A 55 -25.16 5.56 7.10
N GLY A 56 -24.56 5.34 5.94
CA GLY A 56 -23.67 6.33 5.34
C GLY A 56 -22.21 6.22 5.73
N VAL A 57 -21.77 5.05 6.15
CA VAL A 57 -20.38 4.84 6.53
C VAL A 57 -19.79 3.61 5.84
N ILE A 58 -18.53 3.72 5.41
CA ILE A 58 -17.84 2.62 4.75
C ILE A 58 -16.45 2.37 5.35
N THR A 59 -15.79 1.31 4.88
CA THR A 59 -14.44 0.99 5.29
C THR A 59 -13.43 1.52 4.27
N LYS A 60 -12.14 1.40 4.60
CA LYS A 60 -11.08 1.90 3.74
C LYS A 60 -10.97 1.10 2.45
N ASP A 61 -11.04 -0.22 2.57
CA ASP A 61 -10.93 -1.09 1.40
C ASP A 61 -12.11 -0.87 0.46
N GLU A 62 -13.28 -0.57 1.03
CA GLU A 62 -14.45 -0.28 0.22
C GLU A 62 -14.30 1.04 -0.51
N ALA A 63 -13.63 2.00 0.13
CA ALA A 63 -13.35 3.29 -0.50
C ALA A 63 -12.33 3.12 -1.63
N GLU A 64 -11.39 2.20 -1.45
CA GLU A 64 -10.39 1.91 -2.47
C GLU A 64 -11.04 1.20 -3.67
N LYS A 65 -11.92 0.25 -3.36
CA LYS A 65 -12.68 -0.44 -4.39
C LYS A 65 -13.54 0.54 -5.16
N LEU A 66 -14.23 1.42 -4.44
CA LEU A 66 -15.04 2.46 -5.06
C LEU A 66 -14.18 3.40 -5.89
N PHE A 67 -12.93 3.58 -5.47
CA PHE A 67 -11.99 4.44 -6.17
C PHE A 67 -11.65 3.84 -7.54
N ASN A 68 -11.12 2.62 -7.52
CA ASN A 68 -10.79 1.90 -8.76
C ASN A 68 -12.01 1.76 -9.67
N GLN A 69 -13.16 1.45 -9.05
CA GLN A 69 -14.42 1.32 -9.78
C GLN A 69 -14.81 2.63 -10.46
N ASP A 70 -14.61 3.74 -9.76
CA ASP A 70 -14.94 5.05 -10.29
C ASP A 70 -14.02 5.43 -11.44
N VAL A 71 -12.76 5.02 -11.35
CA VAL A 71 -11.83 5.25 -12.45
C VAL A 71 -12.23 4.42 -13.67
N ASP A 72 -12.65 3.18 -13.41
CA ASP A 72 -13.15 2.31 -14.47
C ASP A 72 -14.38 2.91 -15.14
N ALA A 73 -15.26 3.50 -14.35
CA ALA A 73 -16.44 4.16 -14.87
C ALA A 73 -16.04 5.41 -15.65
N ALA A 74 -14.95 6.03 -15.23
CA ALA A 74 -14.43 7.22 -15.90
C ALA A 74 -13.93 6.87 -17.30
N VAL A 75 -13.10 5.83 -17.41
CA VAL A 75 -12.59 5.43 -18.71
C VAL A 75 -13.75 4.89 -19.58
N ARG A 76 -14.71 4.23 -18.94
CA ARG A 76 -15.91 3.80 -19.65
C ARG A 76 -16.59 4.99 -20.31
N GLY A 77 -16.81 6.04 -19.52
CA GLY A 77 -17.41 7.27 -20.00
C GLY A 77 -16.63 7.97 -21.09
N ILE A 78 -15.31 8.01 -20.94
CA ILE A 78 -14.45 8.62 -21.96
C ILE A 78 -14.57 7.88 -23.28
N LEU A 79 -14.51 6.55 -23.24
CA LEU A 79 -14.60 5.76 -24.45
C LEU A 79 -16.01 5.82 -25.06
N ARG A 80 -17.01 6.05 -24.20
CA ARG A 80 -18.39 6.15 -24.64
C ARG A 80 -18.67 7.52 -25.26
N ASN A 81 -18.07 8.56 -24.68
CA ASN A 81 -18.32 9.92 -25.15
C ASN A 81 -17.70 10.18 -26.51
N ALA A 82 -18.47 10.79 -27.39
CA ALA A 82 -18.04 11.01 -28.78
C ALA A 82 -16.99 12.11 -28.92
N LYS A 83 -17.14 13.19 -28.16
CA LYS A 83 -16.24 14.34 -28.28
C LYS A 83 -14.91 14.14 -27.55
N LEU A 84 -14.92 13.33 -26.50
CA LEU A 84 -13.74 13.14 -25.65
C LEU A 84 -12.76 12.12 -26.20
N LYS A 85 -13.28 11.03 -26.73
CA LYS A 85 -12.45 9.90 -27.17
C LYS A 85 -11.34 10.25 -28.17
N PRO A 86 -11.66 11.05 -29.22
CA PRO A 86 -10.56 11.41 -30.13
C PRO A 86 -9.50 12.27 -29.45
N VAL A 87 -9.93 13.15 -28.56
CA VAL A 87 -9.01 14.00 -27.80
C VAL A 87 -8.12 13.14 -26.91
N TYR A 88 -8.71 12.08 -26.36
CA TYR A 88 -8.02 11.19 -25.43
C TYR A 88 -7.02 10.26 -26.12
N ASP A 89 -7.41 9.73 -27.28
CA ASP A 89 -6.56 8.81 -28.03
C ASP A 89 -5.23 9.43 -28.44
N SER A 90 -5.25 10.74 -28.69
CA SER A 90 -4.07 11.46 -29.14
C SER A 90 -3.08 11.76 -28.01
N LEU A 91 -3.50 11.55 -26.77
CA LEU A 91 -2.69 11.96 -25.62
C LEU A 91 -1.83 10.85 -25.05
N ASP A 92 -0.78 11.24 -24.33
CA ASP A 92 0.10 10.31 -23.64
C ASP A 92 -0.39 10.08 -22.21
N ALA A 93 0.21 9.10 -21.54
CA ALA A 93 -0.20 8.67 -20.20
C ALA A 93 -0.50 9.80 -19.22
N VAL A 94 0.35 10.82 -19.20
CA VAL A 94 0.20 11.94 -18.28
C VAL A 94 -1.01 12.81 -18.60
N ARG A 95 -1.07 13.32 -19.82
CA ARG A 95 -2.20 14.15 -20.25
C ARG A 95 -3.50 13.35 -20.27
N ARG A 96 -3.40 12.08 -20.66
CA ARG A 96 -4.53 11.16 -20.55
C ARG A 96 -5.02 11.12 -19.12
N ALA A 97 -4.08 11.05 -18.18
CA ALA A 97 -4.40 11.03 -16.76
C ALA A 97 -5.10 12.32 -16.32
N ALA A 98 -4.66 13.46 -16.85
CA ALA A 98 -5.31 14.73 -16.54
C ALA A 98 -6.76 14.76 -17.03
N LEU A 99 -6.96 14.29 -18.26
CA LEU A 99 -8.30 14.18 -18.83
C LEU A 99 -9.18 13.28 -17.98
N ILE A 100 -8.63 12.12 -17.61
CA ILE A 100 -9.31 11.17 -16.74
C ILE A 100 -9.67 11.82 -15.41
N ASN A 101 -8.79 12.67 -14.91
CA ASN A 101 -9.01 13.39 -13.66
C ASN A 101 -10.24 14.29 -13.80
N VAL A 103 -12.72 14.14 -16.09
CA VAL A 103 -13.92 13.33 -16.29
C VAL A 103 -14.38 12.70 -14.99
N PHE A 104 -13.41 12.31 -14.17
CA PHE A 104 -13.64 11.75 -12.84
C PHE A 104 -14.35 12.78 -11.96
N GLN A 105 -13.88 14.01 -12.05
CA GLN A 105 -14.39 15.10 -11.21
C GLN A 105 -15.78 15.56 -11.60
N GLY A 107 -17.90 14.36 -14.09
CA GLY A 107 -18.76 13.42 -14.77
C GLY A 107 -18.58 13.44 -16.28
N GLU A 108 -19.06 12.38 -16.94
CA GLU A 108 -18.90 12.22 -18.38
C GLU A 108 -19.65 13.28 -19.21
N THR A 109 -20.91 13.52 -18.87
CA THR A 109 -21.76 14.42 -19.64
C THR A 109 -21.29 15.88 -19.61
N GLY A 110 -21.03 16.40 -18.42
CA GLY A 110 -20.64 17.79 -18.25
C GLY A 110 -19.32 18.20 -18.89
N VAL A 111 -18.33 17.32 -18.80
CA VAL A 111 -17.00 17.56 -19.34
C VAL A 111 -16.97 17.76 -20.86
N ALA A 112 -17.84 17.05 -21.57
CA ALA A 112 -17.89 17.12 -23.03
C ALA A 112 -18.34 18.48 -23.57
N GLY A 113 -18.66 19.41 -22.68
CA GLY A 113 -19.04 20.76 -23.09
C GLY A 113 -17.87 21.69 -23.32
N PHE A 114 -16.65 21.20 -23.05
CA PHE A 114 -15.45 22.01 -23.24
C PHE A 114 -14.91 21.85 -24.66
N THR A 115 -15.78 22.04 -25.65
CA THR A 115 -15.43 21.82 -27.06
C THR A 115 -14.18 22.56 -27.50
N ASN A 116 -14.11 23.86 -27.17
CA ASN A 116 -12.97 24.71 -27.51
C ASN A 116 -11.64 24.14 -27.03
N SER A 117 -11.59 23.74 -25.77
CA SER A 117 -10.35 23.28 -25.16
C SER A 117 -9.98 21.87 -25.61
N LEU A 118 -10.99 21.05 -25.87
CA LEU A 118 -10.77 19.71 -26.41
C LEU A 118 -10.14 19.81 -27.79
N ARG A 119 -10.72 20.66 -28.62
CA ARG A 119 -10.19 20.93 -29.96
C ARG A 119 -8.79 21.51 -29.85
N LEU A 121 -6.74 20.73 -27.55
CA LEU A 121 -5.87 19.66 -27.07
C LEU A 121 -5.52 18.67 -28.18
N GLN A 122 -6.47 18.44 -29.08
CA GLN A 122 -6.23 17.55 -30.21
C GLN A 122 -5.12 18.11 -31.09
N GLN A 123 -5.08 19.43 -31.21
CA GLN A 123 -4.05 20.11 -31.99
C GLN A 123 -2.78 20.31 -31.18
N LYS A 124 -2.82 19.84 -29.92
CA LYS A 124 -1.68 19.90 -29.02
C LYS A 124 -1.16 21.32 -28.80
N ARG A 125 -2.08 22.28 -28.72
CA ARG A 125 -1.72 23.67 -28.43
C ARG A 125 -1.86 23.95 -26.93
N TRP A 126 -0.89 23.47 -26.16
CA TRP A 126 -1.02 23.39 -24.70
C TRP A 126 -1.17 24.74 -24.00
N ASP A 127 -0.45 25.75 -24.46
CA ASP A 127 -0.39 27.03 -23.76
C ASP A 127 -1.70 27.82 -23.82
N GLU A 128 -2.18 28.09 -25.04
CA GLU A 128 -3.43 28.81 -25.23
C GLU A 128 -4.59 28.02 -24.63
N ALA A 129 -4.49 26.70 -24.70
CA ALA A 129 -5.42 25.81 -24.01
C ALA A 129 -5.44 26.11 -22.52
N ALA A 130 -4.25 26.21 -21.93
CA ALA A 130 -4.11 26.51 -20.51
C ALA A 130 -4.78 27.84 -20.17
N VAL A 131 -4.48 28.86 -20.97
CA VAL A 131 -5.03 30.19 -20.75
C VAL A 131 -6.56 30.17 -20.83
N ASN A 132 -7.09 29.43 -21.79
CA ASN A 132 -8.54 29.33 -21.96
C ASN A 132 -9.21 28.57 -20.82
N LEU A 133 -8.57 27.49 -20.38
CA LEU A 133 -9.08 26.69 -19.28
C LEU A 133 -9.05 27.49 -17.98
N ALA A 134 -8.09 28.41 -17.87
CA ALA A 134 -8.00 29.30 -16.72
C ALA A 134 -9.26 30.16 -16.62
N LYS A 135 -9.92 30.37 -17.75
CA LYS A 135 -11.21 31.04 -17.77
C LYS A 135 -12.35 30.05 -17.99
N SER A 136 -12.81 29.44 -16.91
CA SER A 136 -13.87 28.43 -16.98
C SER A 136 -14.48 28.18 -15.60
N ARG A 137 -15.71 27.68 -15.59
CA ARG A 137 -16.42 27.40 -14.34
C ARG A 137 -15.68 26.36 -13.51
N TRP A 138 -15.02 25.43 -14.19
CA TRP A 138 -14.23 24.39 -13.54
C TRP A 138 -13.08 25.00 -12.73
N TYR A 139 -12.50 26.06 -13.25
CA TYR A 139 -11.47 26.80 -12.52
C TYR A 139 -12.08 27.49 -11.31
N ASN A 140 -13.34 27.89 -11.42
CA ASN A 140 -14.03 28.55 -10.33
C ASN A 140 -14.35 27.56 -9.21
N GLN A 141 -14.62 26.32 -9.58
CA GLN A 141 -14.91 25.29 -8.60
C GLN A 141 -13.65 24.91 -7.82
N THR A 142 -12.62 24.47 -8.54
CA THR A 142 -11.37 24.02 -7.92
C THR A 142 -10.14 24.69 -8.50
N PRO A 143 -9.90 25.97 -8.15
CA PRO A 143 -8.79 26.75 -8.74
C PRO A 143 -7.42 26.09 -8.56
N ASN A 144 -7.14 25.55 -7.39
CA ASN A 144 -5.88 24.85 -7.14
C ASN A 144 -5.77 23.61 -8.01
N ARG A 145 -6.74 22.72 -7.86
CA ARG A 145 -6.80 21.49 -8.64
C ARG A 145 -6.81 21.77 -10.14
N ALA A 146 -7.56 22.79 -10.55
CA ALA A 146 -7.59 23.18 -11.96
C ALA A 146 -6.21 23.61 -12.40
N LYS A 147 -5.50 24.33 -11.53
CA LYS A 147 -4.14 24.76 -11.84
C LYS A 147 -3.22 23.56 -12.03
N ARG A 148 -3.37 22.55 -11.18
CA ARG A 148 -2.56 21.34 -11.29
C ARG A 148 -2.84 20.55 -12.56
N VAL A 149 -4.12 20.33 -12.85
CA VAL A 149 -4.52 19.58 -14.05
C VAL A 149 -4.09 20.30 -15.32
N ILE A 150 -4.32 21.62 -15.34
CA ILE A 150 -3.90 22.45 -16.46
C ILE A 150 -2.39 22.39 -16.65
N THR A 151 -1.65 22.46 -15.54
CA THR A 151 -0.19 22.36 -15.58
C THR A 151 0.23 21.01 -16.16
N THR A 152 -0.47 19.95 -15.78
CA THR A 152 -0.23 18.62 -16.28
C THR A 152 -0.44 18.57 -17.79
N PHE A 153 -1.51 19.21 -18.25
CA PHE A 153 -1.79 19.30 -19.69
C PHE A 153 -0.70 20.06 -20.43
N ARG A 154 -0.18 21.11 -19.79
CA ARG A 154 0.79 22.00 -20.43
C ARG A 154 2.16 21.37 -20.54
N THR A 155 2.67 20.83 -19.44
CA THR A 155 4.03 20.30 -19.43
C THR A 155 4.08 18.82 -19.81
N GLY A 156 3.04 18.08 -19.47
CA GLY A 156 2.96 16.68 -19.86
C GLY A 156 3.76 15.77 -18.94
N THR A 157 4.07 16.27 -17.75
CA THR A 157 4.79 15.48 -16.75
C THR A 157 4.10 15.55 -15.38
N TRP A 158 4.81 15.17 -14.34
CA TRP A 158 4.22 15.01 -13.01
C TRP A 158 4.75 16.03 -12.03
N ASP A 159 5.12 17.21 -12.53
CA ASP A 159 5.76 18.23 -11.70
C ASP A 159 4.80 18.93 -10.73
N ALA A 160 3.58 19.17 -11.19
CA ALA A 160 2.61 19.95 -10.42
C ALA A 160 2.12 19.23 -9.16
N TYR A 161 1.93 17.93 -9.25
CA TYR A 161 1.38 17.16 -8.14
C TYR A 161 2.41 16.77 -7.07
N ALA A 162 3.69 16.84 -7.43
CA ALA A 162 4.76 16.59 -6.48
C ALA A 162 4.77 17.67 -5.39
N ALA A 163 4.61 18.92 -5.80
CA ALA A 163 4.55 20.03 -4.86
C ALA A 163 3.34 19.88 -3.92
N ALA A 164 2.21 19.49 -4.49
CA ALA A 164 1.01 19.24 -3.70
C ALA A 164 1.26 18.10 -2.71
N ARG A 165 2.05 17.12 -3.11
CA ARG A 165 2.42 16.01 -2.24
C ARG A 165 3.24 16.55 -1.06
N THR A 166 4.18 17.43 -1.37
CA THR A 166 5.01 18.08 -0.36
C THR A 166 4.14 18.80 0.66
N VAL A 167 3.19 19.58 0.14
CA VAL A 167 2.24 20.30 0.97
C VAL A 167 1.48 19.34 1.88
N GLN A 168 0.99 18.25 1.31
CA GLN A 168 0.30 17.22 2.08
C GLN A 168 1.17 16.69 3.22
N ARG A 169 2.46 16.50 2.94
CA ARG A 169 3.40 16.07 3.97
C ARG A 169 3.48 17.08 5.10
N ARG A 170 3.60 18.36 4.75
CA ARG A 170 3.71 19.41 5.76
C ARG A 170 2.45 19.51 6.62
N LEU A 171 1.29 19.54 5.97
CA LEU A 171 0.00 19.57 6.66
C LEU A 171 -0.14 18.38 7.59
N LEU A 172 0.20 17.20 7.09
CA LEU A 172 0.11 15.98 7.88
C LEU A 172 1.00 16.08 9.11
N ALA A 173 2.17 16.69 8.94
CA ALA A 173 3.09 16.89 10.06
C ALA A 173 2.45 17.77 11.13
N PHE A 174 1.87 18.89 10.70
CA PHE A 174 1.22 19.80 11.64
C PHE A 174 0.07 19.11 12.38
N ALA A 175 -0.80 18.47 11.62
CA ALA A 175 -1.98 17.79 12.15
C ALA A 175 -1.58 16.71 13.16
N LEU A 176 -0.53 15.98 12.83
CA LEU A 176 -0.04 14.93 13.72
C LEU A 176 0.53 15.52 15.01
N ARG A 177 1.28 16.61 14.89
CA ARG A 177 1.83 17.26 16.08
C ARG A 177 0.70 17.73 17.00
N LYS A 178 -0.34 18.31 16.42
CA LYS A 178 -1.49 18.78 17.18
C LYS A 178 -2.24 17.62 17.84
N LEU A 179 -2.43 16.53 17.08
CA LEU A 179 -3.16 15.37 17.59
C LEU A 179 -2.43 14.70 18.75
N ILE A 180 -1.18 14.32 18.51
CA ILE A 180 -0.36 13.69 19.53
C ILE A 180 -0.24 14.61 20.74
N GLY A 181 -0.12 15.91 20.47
CA GLY A 181 -0.11 16.92 21.51
C GLY A 181 -1.37 16.88 22.35
N SER A 182 -2.50 16.67 21.69
CA SER A 182 -3.79 16.63 22.36
C SER A 182 -3.97 15.38 23.23
N ILE A 183 -3.64 14.23 22.65
CA ILE A 183 -3.74 12.96 23.36
C ILE A 183 -2.87 12.91 24.62
N LEU A 184 -1.66 13.45 24.52
CA LEU A 184 -0.70 13.40 25.63
C LEU A 184 -0.63 14.71 26.42
N LEU A 185 0.07 14.66 27.55
CA LEU A 185 0.37 15.86 28.33
C LEU A 185 1.75 16.41 27.97
N GLU A 186 2.53 15.60 27.28
CA GLU A 186 3.90 15.98 26.90
C GLU A 186 3.91 16.98 25.75
N ASN A 187 4.94 17.83 25.75
CA ASN A 187 5.13 18.83 24.71
C ASN A 187 5.88 18.25 23.50
N VAL A 188 5.16 18.06 22.39
CA VAL A 188 5.75 17.48 21.19
C VAL A 188 6.26 18.56 20.23
N GLN A 189 7.58 18.70 20.14
CA GLN A 189 8.19 19.67 19.24
C GLN A 189 8.09 19.22 17.80
N PRO A 190 8.06 20.18 16.85
CA PRO A 190 8.03 19.85 15.42
C PRO A 190 9.22 19.01 14.98
N GLU A 191 10.31 19.06 15.74
CA GLU A 191 11.52 18.31 15.39
C GLU A 191 11.33 16.81 15.54
N ASP A 192 10.52 16.39 16.51
CA ASP A 192 10.23 14.98 16.70
C ASP A 192 9.38 14.44 15.56
N ILE A 193 8.39 15.22 15.13
CA ILE A 193 7.58 14.83 14.00
C ILE A 193 8.46 14.80 12.75
N ASP A 194 9.42 15.72 12.69
CA ASP A 194 10.42 15.74 11.63
C ASP A 194 11.21 14.43 11.64
N ILE A 195 11.46 13.90 12.83
CA ILE A 195 12.09 12.59 12.97
C ILE A 195 11.17 11.51 12.41
N LEU A 196 9.88 11.62 12.71
CA LEU A 196 8.88 10.68 12.24
C LEU A 196 8.78 10.67 10.71
N PHE A 197 9.15 11.79 10.08
CA PHE A 197 9.05 11.88 8.62
C PHE A 197 10.36 11.55 7.92
N SER A 198 11.49 11.90 8.54
CA SER A 198 12.79 11.54 8.00
C SER A 198 12.98 10.03 8.07
N LYS A 199 12.99 9.51 9.29
CA LYS A 199 12.97 8.06 9.50
C LYS A 199 11.52 7.63 9.64
N GLY A 200 11.20 6.41 9.23
CA GLY A 200 9.84 5.92 9.29
C GLY A 200 9.24 5.81 10.68
N VAL A 201 10.09 5.87 11.70
CA VAL A 201 9.67 5.59 13.07
C VAL A 201 9.80 6.78 14.02
N LEU A 202 8.95 6.82 15.04
CA LEU A 202 9.09 7.75 16.15
C LEU A 202 8.60 7.09 17.43
N LEU A 204 8.20 7.49 21.69
CA LEU A 204 8.26 8.32 22.87
C LEU A 204 8.02 7.44 24.09
N SER A 205 8.70 7.72 25.19
CA SER A 205 8.59 6.87 26.35
C SER A 205 8.19 7.64 27.61
N ASN A 206 7.64 6.92 28.57
CA ASN A 206 7.18 7.49 29.84
C ASN A 206 6.28 8.70 29.66
N LEU A 207 5.15 8.48 29.00
CA LEU A 207 4.22 9.56 28.71
C LEU A 207 3.09 9.60 29.71
N GLN A 208 2.10 10.47 29.46
CA GLN A 208 0.92 10.54 30.29
C GLN A 208 -0.25 11.08 29.47
N LEU A 209 -1.35 10.35 29.47
CA LEU A 209 -2.53 10.70 28.69
C LEU A 209 -3.20 11.97 29.18
N ASN A 210 -3.91 12.62 28.27
CA ASN A 210 -4.77 13.76 28.60
C ASN A 210 -6.18 13.27 28.91
N CYS A 211 -6.52 13.21 30.19
CA CYS A 211 -7.80 12.67 30.63
C CYS A 211 -8.99 13.43 30.05
N SER A 212 -8.81 14.72 29.79
CA SER A 212 -9.87 15.53 29.19
C SER A 212 -10.17 15.04 27.77
N PHE A 213 -9.10 14.77 27.03
CA PHE A 213 -9.21 14.23 25.68
C PHE A 213 -10.02 12.94 25.67
N LEU A 214 -9.62 12.01 26.53
CA LEU A 214 -10.28 10.70 26.61
C LEU A 214 -11.74 10.84 27.01
N ASN A 215 -12.00 11.65 28.03
CA ASN A 215 -13.37 11.91 28.47
C ASN A 215 -14.24 12.49 27.35
N ALA A 216 -13.67 13.37 26.55
CA ALA A 216 -14.41 13.98 25.44
C ALA A 216 -14.64 13.00 24.30
N VAL A 217 -13.64 12.16 24.05
CA VAL A 217 -13.72 11.19 22.95
C VAL A 217 -14.63 10.00 23.25
N VAL A 218 -14.24 9.21 24.24
CA VAL A 218 -14.99 8.02 24.63
C VAL A 218 -16.42 8.36 25.05
N SER A 219 -16.57 9.50 25.71
CA SER A 219 -17.87 9.97 26.20
C SER A 219 -18.57 8.90 27.04
N ILE A 223 -19.24 7.86 31.84
CA ILE A 223 -17.91 7.31 32.08
C ILE A 223 -16.87 8.41 32.25
N ASN A 224 -15.99 8.26 33.24
CA ASN A 224 -14.98 9.26 33.50
C ASN A 224 -13.57 8.71 33.72
N PHE A 225 -12.61 9.27 32.99
CA PHE A 225 -11.20 8.89 33.14
C PHE A 225 -10.54 9.82 34.14
N THR A 226 -9.87 9.26 35.14
CA THR A 226 -9.14 10.09 36.09
C THR A 226 -7.71 10.30 35.64
N LYS A 227 -7.03 9.22 35.27
CA LYS A 227 -5.64 9.30 34.84
C LYS A 227 -5.28 8.16 33.88
N GLY A 228 -4.41 8.47 32.91
CA GLY A 228 -3.92 7.49 31.97
C GLY A 228 -2.43 7.67 31.69
N THR A 229 -1.64 6.63 31.95
CA THR A 229 -0.21 6.70 31.69
C THR A 229 0.25 5.62 30.71
N LEU A 230 1.00 6.01 29.68
CA LEU A 230 1.48 5.04 28.70
C LEU A 230 3.01 4.98 28.70
N ARG A 231 3.54 3.80 29.01
CA ARG A 231 4.98 3.59 29.11
C ARG A 231 5.70 3.84 27.79
N ARG A 232 5.07 3.49 26.67
CA ARG A 232 5.71 3.62 25.37
C ARG A 232 4.69 3.86 24.26
N LEU A 233 5.03 4.77 23.36
CA LEU A 233 4.20 5.06 22.20
C LEU A 233 5.05 5.04 20.94
N ILE A 234 4.70 4.15 20.01
CA ILE A 234 5.44 3.99 18.78
C ILE A 234 4.55 4.36 17.60
N LEU A 235 5.03 5.28 16.78
CA LEU A 235 4.25 5.77 15.66
C LEU A 235 5.07 5.64 14.39
N ARG A 236 4.43 5.21 13.31
CA ARG A 236 5.14 4.97 12.07
C ARG A 236 4.32 5.45 10.87
N LEU A 237 5.01 5.98 9.86
CA LEU A 237 4.35 6.49 8.69
C LEU A 237 4.86 5.83 7.42
N ASN A 238 3.96 5.55 6.49
CA ASN A 238 4.35 5.05 5.18
C ASN A 238 4.97 6.20 4.38
N VAL A 239 6.19 6.57 4.76
CA VAL A 239 6.83 7.76 4.21
C VAL A 239 7.14 7.60 2.72
N THR A 240 7.48 6.38 2.32
CA THR A 240 7.76 6.09 0.93
C THR A 240 6.55 6.34 0.04
N ASP A 241 5.35 6.12 0.59
CA ASP A 241 4.11 6.37 -0.13
C ASP A 241 3.13 7.14 0.76
N ILE A 242 3.44 8.41 1.01
CA ILE A 242 2.67 9.21 1.95
C ILE A 242 1.26 9.52 1.43
N VAL A 243 1.08 9.47 0.11
CA VAL A 243 -0.21 9.78 -0.49
C VAL A 243 -1.21 8.66 -0.22
N ASN A 244 -0.80 7.43 -0.48
CA ASN A 244 -1.57 6.25 -0.07
C ASN A 244 -1.22 5.94 1.37
N LEU A 245 -1.72 6.77 2.28
CA LEU A 245 -1.26 6.80 3.67
C LEU A 245 -1.52 5.52 4.45
N ASN A 246 -0.50 5.08 5.17
CA ASN A 246 -0.62 3.97 6.11
C ASN A 246 0.07 4.31 7.43
N VAL A 247 -0.73 4.53 8.48
CA VAL A 247 -0.19 4.93 9.77
C VAL A 247 -0.20 3.76 10.74
N GLU A 248 0.87 3.60 11.49
CA GLU A 248 0.95 2.53 12.49
C GLU A 248 1.12 3.10 13.89
N LEU A 249 0.05 3.01 14.69
CA LEU A 249 0.08 3.49 16.05
C LEU A 249 0.17 2.32 17.02
N GLU A 250 1.00 2.46 18.06
CA GLU A 250 1.18 1.37 19.01
C GLU A 250 1.44 1.87 20.43
N VAL A 251 0.72 1.30 21.39
CA VAL A 251 0.86 1.70 22.78
C VAL A 251 1.22 0.51 23.68
N ASN A 252 2.34 0.63 24.39
CA ASN A 252 2.79 -0.43 25.29
C ASN A 252 2.87 0.07 26.72
N GLY A 253 2.27 -0.69 27.63
CA GLY A 253 2.28 -0.34 29.03
C GLY A 253 1.23 0.72 29.32
N LEU A 254 0.10 0.63 28.63
CA LEU A 254 -1.02 1.52 28.86
C LEU A 254 -1.57 1.29 30.27
N SER A 255 -1.98 2.36 30.93
CA SER A 255 -2.56 2.29 32.25
C SER A 255 -3.69 3.29 32.41
N LEU A 256 -4.90 2.83 32.15
CA LEU A 256 -6.10 3.66 32.27
C LEU A 256 -6.77 3.44 33.61
N GLU A 257 -7.27 4.53 34.20
CA GLU A 257 -8.10 4.43 35.39
C GLU A 257 -9.43 5.14 35.12
N ILE A 258 -10.52 4.40 35.26
CA ILE A 258 -11.84 4.86 34.82
C ILE A 258 -12.86 4.85 35.95
N GLU A 259 -13.68 5.90 36.00
CA GLU A 259 -14.74 6.01 36.97
C GLU A 259 -16.10 6.03 36.27
N LEU A 260 -17.07 5.33 36.86
CA LEU A 260 -18.42 5.31 36.32
C LEU A 260 -19.39 5.98 37.29
N VAL A 261 -20.62 6.24 36.83
CA VAL A 261 -21.61 6.92 37.64
C VAL A 261 -23.03 6.61 37.16
N ILE A 281 -17.85 6.32 17.00
CA ILE A 281 -17.14 6.63 18.23
C ILE A 281 -15.94 7.53 17.97
N LEU A 282 -15.15 7.17 16.96
CA LEU A 282 -13.94 7.90 16.60
C LEU A 282 -14.26 9.28 16.00
N ASP A 283 -15.43 9.41 15.41
CA ASP A 283 -15.86 10.65 14.76
C ASP A 283 -15.77 11.84 15.72
N ASN A 284 -16.11 11.61 16.98
CA ASN A 284 -16.10 12.65 17.99
C ASN A 284 -14.70 13.25 18.12
N VAL A 285 -13.67 12.42 18.00
CA VAL A 285 -12.30 12.92 18.04
C VAL A 285 -12.12 14.00 16.99
N VAL A 286 -12.55 13.69 15.77
CA VAL A 286 -12.43 14.61 14.65
C VAL A 286 -13.18 15.90 14.97
N GLU A 287 -14.29 15.76 15.67
CA GLU A 287 -15.07 16.93 16.06
C GLU A 287 -14.30 17.76 17.08
N TYR A 288 -13.70 17.08 18.05
CA TYR A 288 -13.07 17.77 19.17
C TYR A 288 -11.95 18.65 18.67
N ASN A 290 -11.56 19.67 15.74
CA ASN A 290 -12.17 20.67 14.86
C ASN A 290 -12.47 21.92 15.67
N LYS A 291 -12.97 21.72 16.88
CA LYS A 291 -13.18 22.84 17.79
C LYS A 291 -11.85 23.48 18.15
N THR A 292 -11.01 22.71 18.82
CA THR A 292 -9.78 23.24 19.44
C THR A 292 -8.64 23.59 18.48
N ALA A 293 -8.54 22.88 17.36
CA ALA A 293 -7.32 22.99 16.55
C ALA A 293 -7.49 23.71 15.22
N SER A 294 -8.68 23.61 14.62
CA SER A 294 -8.92 24.16 13.29
C SER A 294 -8.48 25.61 13.15
N GLN A 295 -8.66 26.39 14.22
CA GLN A 295 -8.26 27.79 14.22
C GLN A 295 -6.74 27.92 14.22
N ASP A 296 -6.11 27.30 15.21
CA ASP A 296 -4.66 27.26 15.31
C ASP A 296 -4.03 26.65 14.06
N PHE A 297 -4.61 25.56 13.58
CA PHE A 297 -4.11 24.87 12.40
C PHE A 297 -4.15 25.77 11.16
N GLU A 298 -5.31 26.37 10.92
CA GLU A 298 -5.48 27.29 9.79
C GLU A 298 -4.52 28.47 9.91
N ASP A 299 -4.30 28.94 11.14
CA ASP A 299 -3.34 30.01 11.39
C ASP A 299 -1.93 29.58 11.02
N GLU A 300 -1.57 28.35 11.38
CA GLU A 300 -0.25 27.80 11.08
C GLU A 300 -0.04 27.65 9.57
N VAL A 301 -1.04 27.11 8.90
CA VAL A 301 -0.98 26.92 7.46
C VAL A 301 -0.90 28.26 6.72
N ILE A 302 -1.70 29.22 7.18
CA ILE A 302 -1.68 30.56 6.61
C ILE A 302 -0.33 31.22 6.81
N ASN A 303 0.24 31.06 8.00
CA ASN A 303 1.56 31.61 8.31
C ASN A 303 2.66 30.93 7.50
N GLU A 304 2.43 29.67 7.13
CA GLU A 304 3.38 28.92 6.32
C GLU A 304 3.21 29.24 4.83
N GLY A 305 2.10 29.90 4.49
CA GLY A 305 1.82 30.27 3.12
C GLY A 305 1.31 29.11 2.29
N ASN A 316 -11.87 25.27 7.01
CA ASN A 316 -11.80 23.99 7.72
C ASN A 316 -11.07 22.94 6.90
N LEU A 317 -9.74 22.94 6.99
CA LEU A 317 -8.90 22.00 6.24
C LEU A 317 -8.44 20.83 7.10
N LEU A 318 -8.11 21.14 8.37
CA LEU A 318 -7.64 20.13 9.32
C LEU A 318 -8.56 18.93 9.44
N ASP A 319 -9.85 19.14 9.23
CA ASP A 319 -10.84 18.06 9.29
C ASP A 319 -10.54 16.94 8.29
N SER A 320 -10.26 17.33 7.04
CA SER A 320 -9.96 16.34 6.00
C SER A 320 -8.69 15.56 6.32
N ILE A 321 -7.62 16.29 6.59
CA ILE A 321 -6.33 15.72 6.96
C ILE A 321 -6.50 14.71 8.10
N LEU A 322 -7.16 15.13 9.17
CA LEU A 322 -7.38 14.27 10.33
C LEU A 322 -8.24 13.06 10.00
N GLN A 323 -9.21 13.25 9.12
CA GLN A 323 -10.09 12.16 8.74
C GLN A 323 -9.33 11.07 8.00
N LYS A 324 -8.58 11.46 6.97
CA LYS A 324 -7.75 10.50 6.25
C LYS A 324 -6.72 9.85 7.19
N CYS A 325 -6.17 10.67 8.08
CA CYS A 325 -5.17 10.23 9.04
C CYS A 325 -5.70 9.09 9.92
N LEU A 326 -6.80 9.35 10.61
CA LEU A 326 -7.41 8.38 11.50
C LEU A 326 -8.03 7.21 10.75
N ALA A 327 -8.36 7.43 9.48
CA ALA A 327 -8.88 6.36 8.64
C ALA A 327 -7.77 5.41 8.22
N SER A 328 -6.55 5.93 8.13
CA SER A 328 -5.41 5.15 7.66
C SER A 328 -4.68 4.41 8.77
N THR A 329 -4.90 4.82 10.02
CA THR A 329 -4.14 4.25 11.14
C THR A 329 -4.61 2.86 11.57
N SER A 330 -3.63 1.99 11.81
CA SER A 330 -3.84 0.66 12.39
C SER A 330 -3.26 0.65 13.80
N VAL A 331 -3.99 0.06 14.74
CA VAL A 331 -3.56 0.15 16.14
C VAL A 331 -3.07 -1.17 16.72
N LEU A 332 -1.98 -1.08 17.49
CA LEU A 332 -1.50 -2.20 18.29
C LEU A 332 -1.37 -1.73 19.74
N GLN A 334 -0.12 -3.33 23.71
CA GLN A 334 0.45 -4.46 24.43
C GLN A 334 0.57 -4.19 25.92
N ASP A 335 0.25 -5.22 26.71
CA ASP A 335 0.36 -5.15 28.16
C ASP A 335 -0.34 -3.93 28.73
N ALA A 336 -1.64 -3.85 28.53
CA ALA A 336 -2.45 -2.76 29.06
C ALA A 336 -3.04 -3.12 30.42
N LEU A 337 -3.38 -2.08 31.17
CA LEU A 337 -4.00 -2.24 32.49
C LEU A 337 -5.11 -1.20 32.65
N VAL A 338 -6.35 -1.68 32.83
CA VAL A 338 -7.49 -0.78 32.97
C VAL A 338 -8.19 -0.99 34.30
N TYR A 339 -8.54 0.09 34.99
CA TYR A 339 -9.31 -0.02 36.22
C TYR A 339 -10.68 0.59 36.00
N ILE A 340 -11.71 0.02 36.62
CA ILE A 340 -13.06 0.59 36.48
C ILE A 340 -13.71 0.77 37.85
N GLY A 341 -14.45 1.86 37.99
CA GLY A 341 -15.13 2.17 39.24
C GLY A 341 -16.07 3.36 39.11
N ARG A 348 -13.18 -1.19 43.04
CA ARG A 348 -12.68 -0.99 41.69
C ARG A 348 -12.17 -2.29 41.07
N LEU A 349 -12.59 -2.57 39.84
CA LEU A 349 -12.22 -3.79 39.16
C LEU A 349 -10.98 -3.58 38.30
N GLU A 350 -10.17 -4.63 38.16
CA GLU A 350 -8.92 -4.51 37.42
C GLU A 350 -8.84 -5.48 36.23
N ALA A 351 -8.69 -4.92 35.04
CA ALA A 351 -8.61 -5.71 33.82
C ALA A 351 -7.20 -5.63 33.24
N LYS A 352 -6.59 -6.79 33.05
CA LYS A 352 -5.25 -6.85 32.47
C LYS A 352 -5.31 -7.43 31.06
N LEU A 353 -4.78 -6.69 30.08
CA LEU A 353 -4.81 -7.12 28.69
C LEU A 353 -3.42 -7.43 28.13
N ASP A 354 -3.20 -8.68 27.77
CA ASP A 354 -1.88 -9.10 27.30
C ASP A 354 -1.53 -8.46 25.96
N PHE A 355 -2.49 -8.46 25.04
CA PHE A 355 -2.27 -7.92 23.70
C PHE A 355 -3.58 -7.66 22.98
N SER A 357 -5.15 -5.89 18.97
CA SER A 357 -4.93 -5.21 17.70
C SER A 357 -6.26 -4.70 17.15
N PHE A 358 -6.19 -3.56 16.47
CA PHE A 358 -7.38 -2.95 15.89
C PHE A 358 -7.06 -2.63 14.43
N SER A 359 -7.62 -3.44 13.52
CA SER A 359 -7.24 -3.40 12.11
C SER A 359 -8.35 -3.90 11.18
N SER A 360 -8.28 -3.51 9.92
CA SER A 360 -9.34 -3.80 8.94
C SER A 360 -9.39 -5.26 8.50
N VAL A 361 -10.61 -5.78 8.35
CA VAL A 361 -10.83 -7.16 7.91
C VAL A 361 -12.16 -7.29 7.17
N LYS A 362 -12.37 -8.44 6.54
CA LYS A 362 -13.58 -8.68 5.76
C LYS A 362 -14.55 -9.60 6.50
N THR A 366 -18.72 -5.23 9.57
CA THR A 366 -19.15 -4.00 8.92
C THR A 366 -18.17 -2.86 9.19
N SER A 367 -17.06 -3.19 9.86
CA SER A 367 -16.04 -2.19 10.17
C SER A 367 -14.71 -2.87 10.52
N ARG A 368 -13.81 -2.10 11.15
CA ARG A 368 -12.53 -2.63 11.59
C ARG A 368 -12.68 -3.61 12.74
N LEU A 369 -11.89 -4.67 12.71
CA LEU A 369 -11.96 -5.70 13.73
C LEU A 369 -11.02 -5.40 14.89
N LEU A 370 -11.55 -5.61 16.09
CA LEU A 370 -10.78 -5.47 17.31
C LEU A 370 -10.54 -6.86 17.90
N ASN A 371 -9.36 -7.43 17.63
CA ASN A 371 -9.03 -8.72 18.18
C ASN A 371 -8.20 -8.56 19.44
N ILE A 372 -8.71 -9.09 20.55
CA ILE A 372 -8.07 -8.99 21.85
C ILE A 372 -7.68 -10.36 22.40
N ASN A 373 -6.51 -10.43 23.04
CA ASN A 373 -6.02 -11.68 23.60
C ASN A 373 -5.31 -11.51 24.95
N GLY A 374 -5.65 -12.40 25.89
CA GLY A 374 -4.98 -12.45 27.17
C GLY A 374 -5.63 -11.63 28.29
N ILE A 375 -6.94 -11.43 28.20
CA ILE A 375 -7.65 -10.67 29.23
C ILE A 375 -7.83 -11.46 30.52
N THR A 376 -7.34 -10.90 31.62
CA THR A 376 -7.57 -11.46 32.96
C THR A 376 -8.06 -10.38 33.90
N VAL A 377 -9.24 -10.56 34.47
CA VAL A 377 -9.82 -9.53 35.33
C VAL A 377 -9.94 -9.99 36.78
N SER A 378 -9.44 -9.17 37.70
CA SER A 378 -9.43 -9.49 39.13
C SER A 378 -9.68 -8.27 40.03
N VAL A 380 -8.47 -6.24 44.13
CA VAL A 380 -7.39 -5.97 45.07
C VAL A 380 -7.93 -5.25 46.30
N ASN B 2 -6.28 -3.48 -11.76
CA ASN B 2 -5.59 -2.52 -12.61
C ASN B 2 -4.39 -3.15 -13.29
N ILE B 3 -3.68 -2.36 -14.09
CA ILE B 3 -2.50 -2.86 -14.78
C ILE B 3 -1.37 -3.16 -13.80
N PHE B 4 -1.25 -2.34 -12.77
CA PHE B 4 -0.19 -2.48 -11.78
C PHE B 4 -0.36 -3.76 -10.97
N GLU B 5 -1.60 -4.07 -10.59
CA GLU B 5 -1.88 -5.26 -9.81
C GLU B 5 -1.65 -6.51 -10.63
N LEU B 7 0.29 -6.83 -13.32
CA LEU B 7 1.72 -6.97 -13.55
C LEU B 7 2.45 -7.44 -12.31
N ARG B 8 1.97 -7.03 -11.13
CA ARG B 8 2.57 -7.52 -9.90
C ARG B 8 2.29 -9.01 -9.72
N ILE B 9 1.10 -9.44 -10.14
CA ILE B 9 0.75 -10.86 -10.09
C ILE B 9 1.64 -11.67 -11.03
N ASP B 10 1.85 -11.14 -12.23
CA ASP B 10 2.60 -11.85 -13.26
C ASP B 10 4.12 -11.85 -13.04
N GLU B 11 4.64 -10.78 -12.45
CA GLU B 11 6.09 -10.63 -12.30
C GLU B 11 6.59 -10.87 -10.88
N GLY B 12 5.74 -10.62 -9.88
CA GLY B 12 6.14 -10.75 -8.49
C GLY B 12 7.13 -9.69 -8.05
N LEU B 13 8.00 -10.04 -7.09
CA LEU B 13 9.02 -9.12 -6.61
C LEU B 13 10.29 -9.82 -6.15
N ARG B 14 11.43 -9.27 -6.54
CA ARG B 14 12.74 -9.77 -6.15
C ARG B 14 13.73 -8.61 -6.06
N LEU B 15 14.53 -8.58 -5.01
CA LEU B 15 15.43 -7.45 -4.78
C LEU B 15 16.80 -7.63 -5.43
N LYS B 16 17.19 -8.87 -5.68
CA LYS B 16 18.46 -9.11 -6.37
C LYS B 16 18.21 -9.70 -7.76
N ILE B 17 19.21 -9.59 -8.62
CA ILE B 17 19.09 -10.01 -10.02
C ILE B 17 18.87 -11.52 -10.10
N TYR B 18 17.83 -11.92 -10.84
CA TYR B 18 17.48 -13.32 -10.99
C TYR B 18 17.24 -13.67 -12.45
N LYS B 19 17.29 -14.96 -12.76
CA LYS B 19 16.95 -15.44 -14.10
C LYS B 19 15.43 -15.54 -14.21
N ASN B 20 14.86 -14.75 -15.13
CA ASN B 20 13.41 -14.69 -15.26
C ASN B 20 12.80 -15.95 -15.86
N THR B 21 11.51 -15.87 -16.17
CA THR B 21 10.79 -16.99 -16.76
C THR B 21 11.35 -17.33 -18.13
N GLU B 22 11.86 -16.32 -18.83
CA GLU B 22 12.47 -16.51 -20.14
C GLU B 22 13.91 -16.97 -19.99
N GLY B 23 14.43 -16.91 -18.77
CA GLY B 23 15.77 -17.37 -18.47
C GLY B 23 16.79 -16.24 -18.40
N TYR B 24 16.39 -15.06 -18.85
CA TYR B 24 17.30 -13.91 -18.86
C TYR B 24 17.38 -13.26 -17.48
N TYR B 25 18.42 -12.46 -17.26
CA TYR B 25 18.64 -11.83 -15.97
C TYR B 25 17.73 -10.63 -15.76
N THR B 26 17.06 -10.60 -14.62
CA THR B 26 16.00 -9.64 -14.36
C THR B 26 16.01 -9.24 -12.88
N ILE B 27 15.57 -8.03 -12.57
CA ILE B 27 15.51 -7.58 -11.18
C ILE B 27 14.21 -6.81 -10.93
N GLY B 28 13.88 -6.64 -9.65
CA GLY B 28 12.70 -5.89 -9.25
C GLY B 28 11.41 -6.56 -9.69
N ILE B 29 10.44 -5.75 -10.12
CA ILE B 29 9.16 -6.27 -10.60
C ILE B 29 9.17 -6.42 -12.12
N GLY B 30 9.82 -7.47 -12.60
CA GLY B 30 9.83 -7.78 -14.02
C GLY B 30 10.58 -6.79 -14.89
N HIS B 31 11.54 -6.09 -14.32
CA HIS B 31 12.34 -5.14 -15.09
C HIS B 31 13.49 -5.82 -15.82
N LEU B 32 13.37 -5.93 -17.14
CA LEU B 32 14.40 -6.57 -17.94
C LEU B 32 15.60 -5.65 -18.11
N LEU B 33 16.71 -6.01 -17.48
CA LEU B 33 17.93 -5.21 -17.56
C LEU B 33 18.57 -5.29 -18.95
N THR B 34 18.95 -6.49 -19.34
CA THR B 34 19.61 -6.70 -20.63
C THR B 34 19.23 -8.05 -21.23
N LYS B 35 19.39 -8.17 -22.54
CA LYS B 35 19.02 -9.39 -23.24
C LYS B 35 20.16 -10.40 -23.27
N SER B 36 21.38 -9.91 -23.03
CA SER B 36 22.56 -10.77 -23.05
C SER B 36 22.52 -11.82 -21.95
N PRO B 37 23.04 -13.02 -22.24
CA PRO B 37 23.08 -14.11 -21.25
C PRO B 37 24.37 -14.09 -20.44
N SER B 38 25.18 -13.06 -20.65
CA SER B 38 26.44 -12.94 -19.92
C SER B 38 26.18 -12.61 -18.45
N LEU B 39 27.01 -13.18 -17.58
CA LEU B 39 26.83 -13.05 -16.15
C LEU B 39 26.96 -11.59 -15.67
N ASN B 40 28.10 -10.98 -15.98
CA ASN B 40 28.40 -9.64 -15.46
C ASN B 40 27.71 -8.54 -16.25
N ALA B 41 27.37 -8.83 -17.51
CA ALA B 41 26.83 -7.81 -18.42
C ALA B 41 25.54 -7.18 -17.92
N ALA B 42 24.88 -7.84 -16.97
CA ALA B 42 23.66 -7.30 -16.38
C ALA B 42 23.99 -6.27 -15.30
N LYS B 43 24.98 -6.60 -14.47
CA LYS B 43 25.33 -5.80 -13.29
C LYS B 43 25.67 -4.34 -13.62
N SER B 44 25.95 -4.08 -14.90
CA SER B 44 26.19 -2.71 -15.34
C SER B 44 24.89 -1.93 -15.43
N GLU B 45 23.92 -2.49 -16.16
CA GLU B 45 22.66 -1.81 -16.45
C GLU B 45 21.96 -1.33 -15.20
N LEU B 46 21.99 -2.16 -14.15
CA LEU B 46 21.38 -1.82 -12.88
C LEU B 46 21.97 -0.51 -12.36
N ASP B 47 23.30 -0.46 -12.32
CA ASP B 47 23.99 0.75 -11.88
C ASP B 47 23.58 1.94 -12.73
N LYS B 48 23.33 1.69 -14.01
CA LYS B 48 22.87 2.73 -14.92
C LYS B 48 21.44 3.13 -14.63
N ALA B 49 20.59 2.16 -14.31
CA ALA B 49 19.18 2.42 -14.07
C ALA B 49 18.94 3.21 -12.79
N ILE B 50 19.57 2.77 -11.70
CA ILE B 50 19.38 3.41 -10.41
C ILE B 50 20.32 4.59 -10.21
N GLY B 51 21.61 4.35 -10.41
CA GLY B 51 22.61 5.39 -10.26
C GLY B 51 23.46 5.23 -9.01
N ARG B 52 23.64 3.99 -8.57
CA ARG B 52 24.45 3.72 -7.38
C ARG B 52 25.01 2.30 -7.44
N ASN B 53 26.12 2.07 -6.72
CA ASN B 53 26.69 0.74 -6.63
C ASN B 53 25.79 -0.16 -5.80
N THR B 54 25.46 -1.33 -6.34
CA THR B 54 24.46 -2.19 -5.73
C THR B 54 24.93 -3.61 -5.44
N ASN B 55 25.96 -4.05 -6.16
CA ASN B 55 26.40 -5.45 -6.14
C ASN B 55 25.27 -6.40 -6.55
N GLY B 56 24.31 -5.86 -7.30
CA GLY B 56 23.22 -6.64 -7.87
C GLY B 56 22.00 -6.76 -6.97
N VAL B 57 21.86 -5.85 -6.01
CA VAL B 57 20.70 -5.84 -5.11
C VAL B 57 20.10 -4.44 -5.01
N ILE B 58 18.77 -4.36 -4.95
CA ILE B 58 18.10 -3.07 -4.82
C ILE B 58 17.09 -3.11 -3.69
N THR B 59 16.49 -1.95 -3.40
CA THR B 59 15.47 -1.85 -2.37
C THR B 59 14.06 -1.94 -2.94
N LYS B 60 13.06 -1.97 -2.07
CA LYS B 60 11.68 -2.11 -2.49
C LYS B 60 11.20 -0.86 -3.22
N ASP B 61 11.55 0.31 -2.70
CA ASP B 61 11.14 1.58 -3.29
C ASP B 61 11.75 1.77 -4.68
N GLU B 62 12.98 1.30 -4.84
CA GLU B 62 13.66 1.37 -6.13
C GLU B 62 13.01 0.43 -7.13
N ALA B 63 12.53 -0.70 -6.63
CA ALA B 63 11.80 -1.65 -7.45
C ALA B 63 10.45 -1.07 -7.87
N GLU B 64 9.87 -0.26 -7.00
CA GLU B 64 8.61 0.42 -7.29
C GLU B 64 8.81 1.49 -8.36
N LYS B 65 9.90 2.24 -8.22
CA LYS B 65 10.27 3.25 -9.20
C LYS B 65 10.49 2.61 -10.56
N LEU B 66 11.27 1.53 -10.59
CA LEU B 66 11.54 0.80 -11.82
C LEU B 66 10.26 0.20 -12.40
N PHE B 67 9.33 -0.16 -11.53
CA PHE B 67 8.05 -0.72 -11.96
C PHE B 67 7.22 0.32 -12.69
N ASN B 68 6.94 1.44 -12.02
CA ASN B 68 6.19 2.53 -12.64
C ASN B 68 6.84 3.03 -13.92
N GLN B 69 8.18 3.15 -13.88
CA GLN B 69 8.93 3.57 -15.05
C GLN B 69 8.74 2.60 -16.20
N ASP B 70 8.75 1.29 -15.88
CA ASP B 70 8.57 0.26 -16.90
C ASP B 70 7.16 0.20 -17.48
N VAL B 71 6.15 0.46 -16.67
CA VAL B 71 4.78 0.50 -17.18
C VAL B 71 4.58 1.73 -18.07
N ASP B 72 5.14 2.85 -17.64
CA ASP B 72 5.09 4.08 -18.43
C ASP B 72 5.82 3.88 -19.75
N ALA B 73 6.94 3.17 -19.70
CA ALA B 73 7.72 2.86 -20.89
C ALA B 73 6.96 1.89 -21.79
N ALA B 74 6.16 1.03 -21.17
CA ALA B 74 5.35 0.07 -21.92
C ALA B 74 4.26 0.76 -22.73
N VAL B 75 3.48 1.61 -22.06
CA VAL B 75 2.41 2.34 -22.75
C VAL B 75 2.99 3.34 -23.75
N ARG B 76 4.11 3.96 -23.37
CA ARG B 76 4.82 4.86 -24.27
C ARG B 76 5.22 4.12 -25.53
N GLY B 77 5.77 2.93 -25.35
CA GLY B 77 6.15 2.07 -26.46
C GLY B 77 4.96 1.70 -27.32
N ILE B 78 3.82 1.46 -26.70
CA ILE B 78 2.60 1.16 -27.44
C ILE B 78 2.21 2.33 -28.33
N LEU B 79 2.25 3.54 -27.79
CA LEU B 79 1.89 4.74 -28.55
C LEU B 79 2.92 5.06 -29.63
N ARG B 80 4.18 4.68 -29.39
CA ARG B 80 5.26 4.90 -30.34
C ARG B 80 5.03 4.12 -31.64
N ASN B 81 4.98 2.80 -31.50
CA ASN B 81 4.83 1.89 -32.64
C ASN B 81 3.58 2.20 -33.47
N ALA B 82 3.75 2.17 -34.79
CA ALA B 82 2.68 2.55 -35.72
C ALA B 82 1.59 1.49 -35.76
N LYS B 83 1.97 0.23 -35.63
CA LYS B 83 1.01 -0.87 -35.72
C LYS B 83 0.19 -1.03 -34.45
N LEU B 84 0.74 -0.61 -33.32
CA LEU B 84 0.10 -0.84 -32.01
C LEU B 84 -0.95 0.21 -31.65
N LYS B 85 -0.64 1.47 -31.89
CA LYS B 85 -1.48 2.59 -31.44
C LYS B 85 -2.94 2.53 -31.90
N PRO B 86 -3.20 2.27 -33.20
CA PRO B 86 -4.61 2.18 -33.60
C PRO B 86 -5.34 0.98 -33.01
N VAL B 87 -4.65 -0.15 -32.93
CA VAL B 87 -5.23 -1.36 -32.33
C VAL B 87 -5.50 -1.15 -30.84
N TYR B 88 -4.63 -0.39 -30.20
CA TYR B 88 -4.76 -0.14 -28.77
C TYR B 88 -5.91 0.81 -28.51
N ASP B 89 -6.04 1.82 -29.38
CA ASP B 89 -7.11 2.81 -29.28
C ASP B 89 -8.48 2.14 -29.38
N SER B 90 -8.55 1.05 -30.14
CA SER B 90 -9.80 0.35 -30.37
C SER B 90 -10.21 -0.49 -29.17
N LEU B 91 -9.30 -0.66 -28.21
CA LEU B 91 -9.54 -1.54 -27.08
C LEU B 91 -10.07 -0.79 -25.86
N ASP B 92 -10.73 -1.52 -24.98
CA ASP B 92 -11.21 -0.97 -23.72
C ASP B 92 -10.17 -1.14 -22.64
N ALA B 93 -10.39 -0.48 -21.50
CA ALA B 93 -9.43 -0.45 -20.38
C ALA B 93 -8.80 -1.81 -20.07
N VAL B 94 -9.63 -2.85 -20.04
CA VAL B 94 -9.15 -4.18 -19.69
C VAL B 94 -8.25 -4.77 -20.76
N ARG B 95 -8.73 -4.82 -21.99
CA ARG B 95 -7.95 -5.33 -23.11
C ARG B 95 -6.72 -4.47 -23.37
N ARG B 96 -6.90 -3.16 -23.21
CA ARG B 96 -5.77 -2.23 -23.25
C ARG B 96 -4.70 -2.65 -22.24
N ALA B 97 -5.16 -2.99 -21.05
CA ALA B 97 -4.27 -3.42 -19.98
C ALA B 97 -3.56 -4.73 -20.31
N ALA B 98 -4.27 -5.66 -20.94
CA ALA B 98 -3.68 -6.93 -21.36
C ALA B 98 -2.58 -6.69 -22.40
N LEU B 99 -2.88 -5.82 -23.36
CA LEU B 99 -1.89 -5.44 -24.36
C LEU B 99 -0.66 -4.84 -23.69
N ILE B 100 -0.89 -3.94 -22.74
CA ILE B 100 0.19 -3.33 -21.97
C ILE B 100 1.02 -4.39 -21.26
N ASN B 101 0.36 -5.43 -20.76
CA ASN B 101 1.05 -6.54 -20.12
C ASN B 101 1.97 -7.24 -21.11
N VAL B 103 3.27 -6.04 -23.84
CA VAL B 103 4.37 -5.14 -24.17
C VAL B 103 5.39 -5.09 -23.03
N PHE B 104 4.90 -5.17 -21.80
CA PHE B 104 5.76 -5.21 -20.63
C PHE B 104 6.66 -6.43 -20.67
N GLN B 105 6.09 -7.57 -21.04
CA GLN B 105 6.84 -8.83 -21.05
C GLN B 105 7.85 -8.89 -22.19
N GLY B 107 7.82 -6.45 -25.42
CA GLY B 107 8.21 -5.21 -26.04
C GLY B 107 7.23 -4.73 -27.09
N GLU B 108 7.33 -3.46 -27.47
CA GLU B 108 6.41 -2.88 -28.44
C GLU B 108 6.54 -3.55 -29.80
N THR B 109 7.78 -3.70 -30.26
CA THR B 109 8.07 -4.29 -31.56
C THR B 109 7.61 -5.75 -31.62
N GLY B 110 8.01 -6.53 -30.61
CA GLY B 110 7.70 -7.94 -30.56
C GLY B 110 6.20 -8.17 -30.54
N VAL B 111 5.48 -7.38 -29.75
CA VAL B 111 4.02 -7.47 -29.70
C VAL B 111 3.46 -7.09 -31.06
N ALA B 112 4.09 -6.10 -31.69
CA ALA B 112 3.67 -5.66 -33.03
C ALA B 112 4.01 -6.73 -34.08
N GLY B 113 4.72 -7.76 -33.64
CA GLY B 113 5.05 -8.87 -34.52
C GLY B 113 3.95 -9.93 -34.53
N PHE B 114 2.95 -9.73 -33.68
CA PHE B 114 1.83 -10.68 -33.58
C PHE B 114 0.69 -10.35 -34.54
N THR B 115 1.04 -10.21 -35.82
CA THR B 115 0.09 -9.82 -36.86
C THR B 115 -1.17 -10.69 -36.86
N ASN B 116 -0.96 -12.02 -36.76
CA ASN B 116 -2.05 -12.98 -36.73
C ASN B 116 -3.10 -12.63 -35.67
N SER B 117 -2.64 -12.41 -34.44
CA SER B 117 -3.53 -12.15 -33.32
C SER B 117 -3.99 -10.70 -33.30
N LEU B 118 -3.10 -9.78 -33.62
CA LEU B 118 -3.39 -8.34 -33.55
C LEU B 118 -4.45 -7.92 -34.57
N ARG B 119 -4.30 -8.39 -35.80
CA ARG B 119 -5.27 -8.07 -36.84
C ARG B 119 -6.65 -8.61 -36.48
N LEU B 121 -7.60 -8.84 -33.21
CA LEU B 121 -8.02 -8.07 -32.05
C LEU B 121 -8.54 -6.69 -32.43
N GLN B 122 -7.95 -6.09 -33.46
CA GLN B 122 -8.39 -4.78 -33.94
C GLN B 122 -9.84 -4.85 -34.45
N GLN B 123 -10.20 -6.00 -35.02
CA GLN B 123 -11.56 -6.19 -35.54
C GLN B 123 -12.49 -6.76 -34.46
N LYS B 124 -11.95 -6.91 -33.25
CA LYS B 124 -12.71 -7.35 -32.09
C LYS B 124 -13.38 -8.71 -32.29
N ARG B 125 -12.57 -9.75 -32.49
CA ARG B 125 -13.07 -11.12 -32.57
C ARG B 125 -12.45 -11.95 -31.45
N TRP B 126 -12.96 -11.76 -30.23
CA TRP B 126 -12.29 -12.21 -29.01
C TRP B 126 -12.08 -13.73 -28.89
N ASP B 127 -13.08 -14.52 -29.31
CA ASP B 127 -12.99 -15.97 -29.18
C ASP B 127 -11.91 -16.54 -30.11
N GLU B 128 -12.02 -16.22 -31.39
CA GLU B 128 -11.05 -16.64 -32.38
C GLU B 128 -9.66 -16.06 -32.05
N ALA B 129 -9.65 -14.85 -31.49
CA ALA B 129 -8.43 -14.25 -30.96
C ALA B 129 -7.79 -15.15 -29.92
N ALA B 130 -8.59 -15.60 -28.96
CA ALA B 130 -8.12 -16.50 -27.90
C ALA B 130 -7.57 -17.79 -28.50
N VAL B 131 -8.24 -18.30 -29.52
CA VAL B 131 -7.80 -19.52 -30.18
C VAL B 131 -6.45 -19.33 -30.88
N ASN B 132 -6.31 -18.22 -31.59
CA ASN B 132 -5.10 -17.92 -32.36
C ASN B 132 -3.93 -17.58 -31.44
N LEU B 133 -4.24 -17.05 -30.26
CA LEU B 133 -3.21 -16.73 -29.28
C LEU B 133 -2.82 -17.96 -28.50
N ALA B 134 -3.73 -18.95 -28.46
CA ALA B 134 -3.44 -20.23 -27.85
C ALA B 134 -2.42 -21.01 -28.68
N LYS B 135 -2.35 -20.70 -29.97
CA LYS B 135 -1.32 -21.25 -30.84
C LYS B 135 -0.27 -20.18 -31.16
N SER B 136 0.71 -20.05 -30.27
CA SER B 136 1.75 -19.05 -30.43
C SER B 136 2.94 -19.35 -29.52
N ARG B 137 4.12 -18.84 -29.90
CA ARG B 137 5.35 -19.07 -29.13
C ARG B 137 5.25 -18.53 -27.71
N TRP B 138 4.57 -17.40 -27.56
CA TRP B 138 4.38 -16.79 -26.25
C TRP B 138 3.56 -17.70 -25.34
N TYR B 139 2.61 -18.41 -25.93
CA TYR B 139 1.81 -19.40 -25.21
C TYR B 139 2.69 -20.57 -24.76
N ASN B 140 3.68 -20.91 -25.59
CA ASN B 140 4.61 -22.00 -25.28
C ASN B 140 5.56 -21.65 -24.15
N GLN B 141 6.06 -20.42 -24.19
CA GLN B 141 7.03 -19.95 -23.19
C GLN B 141 6.42 -19.82 -21.80
N THR B 142 5.34 -19.06 -21.70
CA THR B 142 4.71 -18.79 -20.40
C THR B 142 3.24 -19.16 -20.41
N PRO B 143 2.93 -20.47 -20.34
CA PRO B 143 1.57 -21.02 -20.45
C PRO B 143 0.58 -20.44 -19.44
N ASN B 144 1.01 -20.28 -18.19
CA ASN B 144 0.14 -19.72 -17.15
C ASN B 144 -0.26 -18.27 -17.45
N ARG B 145 0.75 -17.41 -17.56
CA ARG B 145 0.55 -16.01 -17.87
C ARG B 145 -0.18 -15.83 -19.19
N ALA B 146 0.18 -16.63 -20.19
CA ALA B 146 -0.48 -16.59 -21.48
C ALA B 146 -1.96 -16.93 -21.34
N LYS B 147 -2.26 -17.99 -20.61
CA LYS B 147 -3.66 -18.40 -20.43
C LYS B 147 -4.46 -17.31 -19.73
N ARG B 148 -3.85 -16.66 -18.75
CA ARG B 148 -4.52 -15.59 -18.02
C ARG B 148 -4.78 -14.36 -18.90
N VAL B 149 -3.75 -13.91 -19.63
CA VAL B 149 -3.89 -12.74 -20.51
C VAL B 149 -4.88 -13.02 -21.64
N ILE B 150 -4.77 -14.20 -22.25
CA ILE B 150 -5.69 -14.61 -23.30
C ILE B 150 -7.12 -14.66 -22.79
N THR B 151 -7.30 -15.21 -21.59
CA THR B 151 -8.63 -15.25 -20.96
C THR B 151 -9.15 -13.83 -20.74
N THR B 152 -8.26 -12.92 -20.36
CA THR B 152 -8.60 -11.53 -20.20
C THR B 152 -9.09 -10.94 -21.52
N PHE B 153 -8.39 -11.28 -22.60
CA PHE B 153 -8.78 -10.84 -23.94
C PHE B 153 -10.16 -11.38 -24.34
N ARG B 154 -10.42 -12.63 -23.97
CA ARG B 154 -11.65 -13.31 -24.38
C ARG B 154 -12.88 -12.82 -23.61
N THR B 155 -12.79 -12.78 -22.29
CA THR B 155 -13.94 -12.43 -21.45
C THR B 155 -14.03 -10.93 -21.20
N GLY B 156 -12.87 -10.26 -21.14
CA GLY B 156 -12.83 -8.82 -20.97
C GLY B 156 -13.00 -8.36 -19.54
N THR B 157 -12.78 -9.27 -18.58
CA THR B 157 -12.83 -8.92 -17.16
C THR B 157 -11.61 -9.43 -16.41
N TRP B 158 -11.71 -9.43 -15.08
CA TRP B 158 -10.57 -9.76 -14.23
C TRP B 158 -10.79 -11.04 -13.43
N ASP B 159 -11.52 -11.98 -14.00
CA ASP B 159 -11.87 -13.18 -13.25
C ASP B 159 -10.65 -14.08 -13.10
N ALA B 160 -9.84 -14.14 -14.15
CA ALA B 160 -8.69 -15.01 -14.19
C ALA B 160 -7.64 -14.56 -13.19
N TYR B 161 -7.47 -13.24 -13.07
CA TYR B 161 -6.47 -12.70 -12.17
C TYR B 161 -7.00 -12.62 -10.74
N ALA B 162 -8.32 -12.65 -10.58
CA ALA B 162 -8.91 -12.77 -9.26
C ALA B 162 -8.63 -14.18 -8.72
N ALA B 163 -8.85 -15.17 -9.58
CA ALA B 163 -8.58 -16.56 -9.23
C ALA B 163 -7.09 -16.77 -8.97
N ALA B 164 -6.26 -16.18 -9.84
CA ALA B 164 -4.83 -16.23 -9.67
C ALA B 164 -4.40 -15.55 -8.37
N ARG B 165 -5.14 -14.51 -8.00
CA ARG B 165 -4.89 -13.79 -6.76
C ARG B 165 -5.13 -14.71 -5.57
N THR B 166 -6.25 -15.42 -5.61
CA THR B 166 -6.58 -16.39 -4.56
C THR B 166 -5.51 -17.47 -4.44
N VAL B 167 -5.14 -18.04 -5.58
CA VAL B 167 -4.10 -19.07 -5.62
C VAL B 167 -2.79 -18.57 -5.00
N GLN B 168 -2.36 -17.38 -5.43
CA GLN B 168 -1.16 -16.75 -4.88
C GLN B 168 -1.29 -16.58 -3.37
N ARG B 169 -2.49 -16.23 -2.90
CA ARG B 169 -2.75 -16.09 -1.47
C ARG B 169 -2.48 -17.42 -0.76
N ARG B 170 -2.97 -18.51 -1.31
CA ARG B 170 -2.72 -19.84 -0.73
C ARG B 170 -1.24 -20.18 -0.73
N LEU B 171 -0.57 -19.92 -1.85
CA LEU B 171 0.86 -20.15 -1.96
C LEU B 171 1.61 -19.42 -0.86
N LEU B 172 1.24 -18.16 -0.66
CA LEU B 172 1.84 -17.35 0.39
C LEU B 172 1.58 -17.97 1.76
N ALA B 173 0.39 -18.52 1.95
CA ALA B 173 0.06 -19.17 3.22
C ALA B 173 0.97 -20.35 3.51
N PHE B 174 1.13 -21.24 2.53
CA PHE B 174 2.00 -22.40 2.70
C PHE B 174 3.45 -21.99 2.93
N ALA B 175 3.94 -21.08 2.08
CA ALA B 175 5.31 -20.60 2.17
C ALA B 175 5.57 -20.02 3.54
N LEU B 176 4.57 -19.31 4.05
CA LEU B 176 4.65 -18.72 5.38
C LEU B 176 4.68 -19.80 6.46
N ARG B 177 3.89 -20.86 6.29
CA ARG B 177 3.92 -21.95 7.27
C ARG B 177 5.32 -22.56 7.35
N LYS B 178 5.92 -22.77 6.18
CA LYS B 178 7.28 -23.34 6.16
C LYS B 178 8.31 -22.39 6.76
N LEU B 179 8.23 -21.11 6.40
CA LEU B 179 9.20 -20.12 6.86
C LEU B 179 9.11 -19.90 8.37
N ILE B 180 7.93 -19.52 8.83
CA ILE B 180 7.68 -19.30 10.25
C ILE B 180 7.95 -20.57 11.05
N GLY B 181 7.57 -21.71 10.48
CA GLY B 181 7.86 -22.99 11.09
C GLY B 181 9.34 -23.18 11.28
N SER B 182 10.12 -22.75 10.29
CA SER B 182 11.58 -22.88 10.31
C SER B 182 12.23 -21.96 11.35
N ILE B 183 11.78 -20.71 11.40
CA ILE B 183 12.31 -19.74 12.35
C ILE B 183 12.18 -20.24 13.80
N LEU B 184 11.05 -20.88 14.10
CA LEU B 184 10.77 -21.34 15.45
C LEU B 184 11.06 -22.82 15.62
N LEU B 185 11.03 -23.29 16.86
CA LEU B 185 11.11 -24.71 17.17
C LEU B 185 9.71 -25.29 17.30
N GLU B 186 8.73 -24.39 17.41
CA GLU B 186 7.34 -24.78 17.55
C GLU B 186 6.74 -25.29 16.24
N ASN B 187 5.79 -26.21 16.36
CA ASN B 187 5.11 -26.78 15.21
C ASN B 187 3.94 -25.89 14.76
N VAL B 188 4.10 -25.24 13.61
CA VAL B 188 3.10 -24.30 13.10
C VAL B 188 2.06 -24.97 12.20
N GLN B 189 0.86 -25.15 12.74
CA GLN B 189 -0.24 -25.75 12.00
C GLN B 189 -0.84 -24.81 10.97
N PRO B 190 -1.40 -25.36 9.88
CA PRO B 190 -2.05 -24.56 8.83
C PRO B 190 -3.20 -23.68 9.34
N GLU B 191 -3.78 -24.05 10.48
CA GLU B 191 -4.89 -23.30 11.05
C GLU B 191 -4.45 -21.95 11.60
N ASP B 192 -3.22 -21.88 12.09
CA ASP B 192 -2.67 -20.63 12.61
C ASP B 192 -2.47 -19.65 11.47
N ILE B 193 -1.94 -20.17 10.35
CA ILE B 193 -1.76 -19.36 9.16
C ILE B 193 -3.12 -18.95 8.63
N ASP B 194 -4.10 -19.85 8.77
CA ASP B 194 -5.48 -19.56 8.42
C ASP B 194 -6.01 -18.40 9.26
N ILE B 195 -5.58 -18.31 10.50
CA ILE B 195 -5.91 -17.16 11.35
C ILE B 195 -5.23 -15.91 10.78
N LEU B 196 -3.98 -16.07 10.36
CA LEU B 196 -3.21 -14.95 9.80
C LEU B 196 -3.82 -14.40 8.51
N PHE B 197 -4.54 -15.24 7.78
CA PHE B 197 -5.14 -14.80 6.52
C PHE B 197 -6.60 -14.37 6.68
N SER B 198 -7.31 -15.03 7.59
CA SER B 198 -8.68 -14.65 7.89
C SER B 198 -8.69 -13.28 8.58
N LYS B 199 -8.07 -13.22 9.75
CA LYS B 199 -7.85 -11.96 10.45
C LYS B 199 -6.50 -11.40 10.01
N GLY B 200 -6.38 -10.08 9.99
CA GLY B 200 -5.13 -9.45 9.58
C GLY B 200 -3.95 -9.79 10.47
N VAL B 201 -4.24 -10.29 11.67
CA VAL B 201 -3.23 -10.48 12.70
C VAL B 201 -3.08 -11.94 13.14
N LEU B 202 -1.87 -12.30 13.59
CA LEU B 202 -1.61 -13.59 14.22
C LEU B 202 -0.54 -13.43 15.31
N LEU B 204 1.50 -15.35 18.37
CA LEU B 204 1.90 -16.54 19.11
C LEU B 204 2.74 -16.14 20.32
N SER B 205 2.60 -16.85 21.44
CA SER B 205 3.32 -16.45 22.65
C SER B 205 4.18 -17.57 23.22
N ASN B 206 5.17 -17.19 24.01
CA ASN B 206 6.11 -18.12 24.64
C ASN B 206 6.72 -19.13 23.67
N LEU B 207 7.44 -18.62 22.68
CA LEU B 207 8.05 -19.47 21.66
C LEU B 207 9.51 -19.74 21.95
N GLN B 208 10.20 -20.35 20.99
CA GLN B 208 11.64 -20.59 21.11
C GLN B 208 12.29 -20.65 19.73
N LEU B 209 13.33 -19.86 19.54
CA LEU B 209 14.03 -19.78 18.26
C LEU B 209 14.75 -21.08 17.92
N ASN B 210 14.95 -21.30 16.61
CA ASN B 210 15.79 -22.39 16.13
C ASN B 210 17.22 -21.89 15.97
N CYS B 211 18.06 -22.19 16.96
CA CYS B 211 19.43 -21.70 16.97
C CYS B 211 20.26 -22.25 15.81
N SER B 212 19.93 -23.46 15.36
CA SER B 212 20.63 -24.06 14.23
C SER B 212 20.38 -23.28 12.96
N PHE B 213 19.12 -22.91 12.76
CA PHE B 213 18.71 -22.13 11.60
C PHE B 213 19.49 -20.81 11.55
N LEU B 214 19.46 -20.07 12.65
CA LEU B 214 20.13 -18.77 12.72
C LEU B 214 21.64 -18.89 12.54
N ASN B 215 22.23 -19.85 13.25
CA ASN B 215 23.67 -20.11 13.13
C ASN B 215 24.06 -20.42 11.69
N ALA B 216 23.20 -21.15 10.99
CA ALA B 216 23.41 -21.49 9.60
C ALA B 216 23.26 -20.26 8.71
N VAL B 217 22.37 -19.35 9.10
CA VAL B 217 22.09 -18.14 8.34
C VAL B 217 23.23 -17.13 8.41
N VAL B 218 23.63 -16.77 9.63
CA VAL B 218 24.70 -15.80 9.83
C VAL B 218 25.96 -16.16 9.03
N SER B 219 26.21 -17.45 8.89
CA SER B 219 27.36 -17.97 8.14
C SER B 219 28.71 -17.41 8.59
N LEU B 220 28.71 -16.78 9.77
CA LEU B 220 29.93 -16.36 10.44
C LEU B 220 30.13 -17.20 11.68
N PRO B 221 30.98 -18.25 11.59
CA PRO B 221 31.30 -19.15 12.70
C PRO B 221 31.78 -18.42 13.95
N ILE B 223 30.30 -15.80 15.80
CA ILE B 223 29.24 -15.76 16.79
C ILE B 223 28.34 -16.99 16.70
N ASN B 224 27.97 -17.54 17.85
CA ASN B 224 27.15 -18.76 17.91
C ASN B 224 26.02 -18.60 18.92
N PHE B 225 24.81 -18.95 18.51
CA PHE B 225 23.64 -18.83 19.37
C PHE B 225 23.39 -20.10 20.21
N THR B 226 23.24 -19.90 21.52
CA THR B 226 22.95 -20.99 22.44
C THR B 226 21.44 -21.22 22.65
N LYS B 227 20.72 -20.16 22.95
CA LYS B 227 19.28 -20.25 23.24
C LYS B 227 18.55 -18.96 22.86
N GLY B 228 17.33 -19.07 22.38
CA GLY B 228 16.52 -17.89 22.09
C GLY B 228 15.08 -18.06 22.50
N THR B 229 14.59 -17.18 23.38
CA THR B 229 13.21 -17.27 23.84
C THR B 229 12.42 -16.01 23.50
N LEU B 230 11.22 -16.18 22.96
CA LEU B 230 10.36 -15.06 22.59
C LEU B 230 9.09 -15.04 23.41
N ARG B 231 8.93 -13.98 24.20
CA ARG B 231 7.74 -13.84 25.02
C ARG B 231 6.50 -13.72 24.12
N ARG B 232 6.65 -13.00 23.02
CA ARG B 232 5.54 -12.75 22.11
C ARG B 232 6.00 -12.48 20.68
N LEU B 233 5.26 -13.02 19.73
CA LEU B 233 5.51 -12.83 18.30
C LEU B 233 4.22 -12.39 17.60
N ILE B 234 4.26 -11.21 17.00
CA ILE B 234 3.10 -10.62 16.36
C ILE B 234 3.33 -10.43 14.86
N LEU B 235 2.42 -10.98 14.06
CA LEU B 235 2.55 -10.92 12.61
C LEU B 235 1.29 -10.39 11.94
N ARG B 236 1.45 -9.57 10.91
CA ARG B 236 0.30 -8.96 10.23
C ARG B 236 0.49 -8.93 8.71
N LEU B 237 -0.61 -9.09 7.99
CA LEU B 237 -0.58 -9.11 6.54
C LEU B 237 -1.48 -8.04 5.94
N ASN B 238 -1.03 -7.44 4.84
CA ASN B 238 -1.83 -6.48 4.11
C ASN B 238 -2.99 -7.16 3.39
N VAL B 239 -3.99 -7.56 4.15
CA VAL B 239 -5.09 -8.38 3.64
C VAL B 239 -5.97 -7.60 2.66
N THR B 240 -6.16 -6.31 2.91
CA THR B 240 -6.95 -5.45 2.04
C THR B 240 -6.33 -5.35 0.64
N ASP B 241 -5.01 -5.39 0.57
CA ASP B 241 -4.28 -5.34 -0.69
C ASP B 241 -3.20 -6.41 -0.71
N ILE B 242 -3.63 -7.66 -0.83
CA ILE B 242 -2.72 -8.80 -0.69
C ILE B 242 -1.68 -8.87 -1.82
N VAL B 243 -2.01 -8.30 -2.97
CA VAL B 243 -1.10 -8.32 -4.11
C VAL B 243 0.06 -7.36 -3.89
N ASN B 244 -0.26 -6.14 -3.45
CA ASN B 244 0.76 -5.21 -3.00
C ASN B 244 1.09 -5.50 -1.55
N LEU B 245 1.81 -6.59 -1.35
CA LEU B 245 2.01 -7.17 -0.02
C LEU B 245 2.78 -6.25 0.92
N ASN B 246 2.27 -6.13 2.14
CA ASN B 246 2.97 -5.43 3.21
C ASN B 246 2.91 -6.25 4.48
N VAL B 247 4.06 -6.79 4.89
CA VAL B 247 4.11 -7.68 6.04
C VAL B 247 4.65 -6.94 7.26
N GLU B 248 4.02 -7.17 8.41
CA GLU B 248 4.45 -6.55 9.66
C GLU B 248 4.87 -7.61 10.67
N LEU B 249 6.17 -7.72 10.89
CA LEU B 249 6.71 -8.66 11.86
C LEU B 249 7.16 -7.93 13.10
N GLU B 250 6.87 -8.49 14.27
CA GLU B 250 7.22 -7.86 15.53
C GLU B 250 7.57 -8.89 16.60
N VAL B 251 8.68 -8.67 17.29
CA VAL B 251 9.14 -9.57 18.33
C VAL B 251 9.26 -8.85 19.66
N ASN B 252 8.56 -9.36 20.66
CA ASN B 252 8.58 -8.75 21.98
C ASN B 252 9.08 -9.73 23.03
N GLY B 253 10.04 -9.30 23.85
CA GLY B 253 10.57 -10.13 24.91
C GLY B 253 11.60 -11.14 24.45
N LEU B 254 12.44 -10.74 23.51
CA LEU B 254 13.54 -11.58 23.05
C LEU B 254 14.55 -11.84 24.16
N SER B 255 15.08 -13.07 24.20
CA SER B 255 16.10 -13.44 25.15
C SER B 255 17.08 -14.40 24.48
N LEU B 256 18.16 -13.82 23.94
CA LEU B 256 19.20 -14.58 23.27
C LEU B 256 20.40 -14.87 24.16
N GLU B 257 21.09 -15.96 23.84
CA GLU B 257 22.33 -16.35 24.51
C GLU B 257 23.37 -16.69 23.45
N ILE B 258 24.40 -15.85 23.36
CA ILE B 258 25.43 -15.99 22.34
C ILE B 258 26.79 -16.26 22.97
N GLU B 259 27.55 -17.19 22.38
CA GLU B 259 28.90 -17.46 22.85
C GLU B 259 29.91 -17.17 21.74
N LEU B 260 31.04 -16.58 22.10
CA LEU B 260 32.08 -16.28 21.13
C LEU B 260 33.34 -17.10 21.40
N ILE B 281 22.10 -10.62 4.53
CA ILE B 281 21.66 -11.46 5.64
C ILE B 281 20.44 -12.29 5.24
N LEU B 282 19.46 -11.64 4.64
CA LEU B 282 18.22 -12.31 4.25
C LEU B 282 18.44 -13.31 3.11
N ASP B 283 19.43 -13.03 2.26
CA ASP B 283 19.73 -13.91 1.14
C ASP B 283 20.05 -15.32 1.61
N ASN B 284 20.81 -15.41 2.70
CA ASN B 284 21.16 -16.70 3.29
C ASN B 284 19.92 -17.42 3.77
N VAL B 285 18.99 -16.66 4.35
CA VAL B 285 17.71 -17.20 4.79
C VAL B 285 16.94 -17.80 3.62
N VAL B 286 16.80 -17.03 2.54
CA VAL B 286 16.08 -17.47 1.35
C VAL B 286 16.73 -18.71 0.74
N GLU B 287 18.06 -18.76 0.79
CA GLU B 287 18.78 -19.90 0.24
C GLU B 287 18.55 -21.14 1.08
N TYR B 288 18.62 -20.98 2.40
CA TYR B 288 18.51 -22.10 3.31
C TYR B 288 17.10 -22.67 3.21
N ASN B 290 14.86 -22.26 0.67
CA ASN B 290 14.63 -22.88 -0.63
C ASN B 290 15.25 -24.28 -0.68
N LYS B 291 16.47 -24.38 -0.17
CA LYS B 291 17.19 -25.67 -0.14
C LYS B 291 16.43 -26.73 0.66
N THR B 292 16.24 -26.50 1.95
CA THR B 292 15.70 -27.52 2.83
C THR B 292 14.22 -27.79 2.58
N ALA B 293 13.49 -26.80 2.06
CA ALA B 293 12.03 -26.85 2.00
C ALA B 293 11.42 -27.06 0.62
N SER B 294 12.11 -26.66 -0.46
CA SER B 294 11.51 -26.70 -1.81
C SER B 294 10.82 -28.02 -2.15
N GLN B 295 11.35 -29.14 -1.63
CA GLN B 295 10.76 -30.44 -1.88
C GLN B 295 9.39 -30.57 -1.23
N ASP B 296 9.34 -30.35 0.09
CA ASP B 296 8.08 -30.36 0.83
C ASP B 296 7.07 -29.36 0.26
N PHE B 297 7.54 -28.16 -0.07
CA PHE B 297 6.70 -27.11 -0.62
C PHE B 297 6.07 -27.51 -1.94
N GLU B 298 6.90 -27.95 -2.88
CA GLU B 298 6.44 -28.40 -4.18
C GLU B 298 5.49 -29.58 -4.06
N ASP B 299 5.78 -30.48 -3.13
CA ASP B 299 4.92 -31.61 -2.84
C ASP B 299 3.55 -31.15 -2.33
N GLU B 300 3.56 -30.11 -1.51
CA GLU B 300 2.33 -29.58 -0.92
C GLU B 300 1.48 -28.86 -1.96
N VAL B 301 2.13 -28.09 -2.83
CA VAL B 301 1.44 -27.40 -3.90
C VAL B 301 0.86 -28.39 -4.91
N ILE B 302 1.65 -29.42 -5.23
CA ILE B 302 1.22 -30.48 -6.14
C ILE B 302 0.03 -31.22 -5.54
N ASN B 303 0.09 -31.50 -4.24
CA ASN B 303 -0.99 -32.18 -3.54
C ASN B 303 -2.23 -31.28 -3.49
N GLU B 304 -2.01 -29.97 -3.51
CA GLU B 304 -3.11 -29.01 -3.53
C GLU B 304 -3.62 -28.82 -4.95
N GLY B 305 -2.89 -29.32 -5.92
CA GLY B 305 -3.28 -29.23 -7.31
C GLY B 305 -3.03 -27.86 -7.91
N ASN B 316 12.15 -23.60 -8.11
CA ASN B 316 12.29 -22.74 -6.94
C ASN B 316 11.25 -21.63 -6.94
N LEU B 317 10.07 -21.93 -6.41
CA LEU B 317 8.98 -20.98 -6.37
C LEU B 317 8.87 -20.36 -4.98
N LEU B 318 9.08 -21.18 -3.96
CA LEU B 318 9.10 -20.71 -2.58
C LEU B 318 10.18 -19.63 -2.46
N ASP B 319 11.22 -19.75 -3.28
CA ASP B 319 12.29 -18.76 -3.33
C ASP B 319 11.75 -17.39 -3.72
N SER B 320 10.95 -17.35 -4.79
CA SER B 320 10.36 -16.11 -5.27
C SER B 320 9.38 -15.54 -4.25
N ILE B 321 8.45 -16.40 -3.82
CA ILE B 321 7.45 -16.02 -2.81
C ILE B 321 8.11 -15.42 -1.58
N LEU B 322 9.10 -16.12 -1.04
CA LEU B 322 9.84 -15.68 0.13
C LEU B 322 10.63 -14.40 -0.13
N GLN B 323 11.12 -14.25 -1.36
CA GLN B 323 11.87 -13.06 -1.71
C GLN B 323 10.97 -11.84 -1.63
N LYS B 324 9.81 -11.93 -2.28
CA LYS B 324 8.81 -10.86 -2.22
C LYS B 324 8.37 -10.60 -0.78
N CYS B 325 8.16 -11.68 -0.05
CA CYS B 325 7.71 -11.66 1.34
C CYS B 325 8.66 -10.88 2.22
N LEU B 326 9.92 -11.31 2.24
CA LEU B 326 10.96 -10.70 3.06
C LEU B 326 11.33 -9.31 2.55
N ALA B 327 11.05 -9.05 1.28
CA ALA B 327 11.27 -7.72 0.73
C ALA B 327 10.19 -6.78 1.24
N SER B 328 9.03 -7.34 1.51
CA SER B 328 7.87 -6.56 1.95
C SER B 328 7.80 -6.41 3.47
N THR B 329 8.49 -7.26 4.22
CA THR B 329 8.36 -7.28 5.67
C THR B 329 9.09 -6.14 6.37
N SER B 330 8.42 -5.54 7.34
CA SER B 330 9.00 -4.56 8.23
C SER B 330 9.14 -5.19 9.61
N VAL B 331 10.28 -5.00 10.27
CA VAL B 331 10.52 -5.70 11.51
C VAL B 331 10.55 -4.75 12.71
N LEU B 332 9.94 -5.17 13.81
CA LEU B 332 10.05 -4.45 15.07
C LEU B 332 10.50 -5.39 16.19
N GLN B 334 10.75 -5.15 20.65
CA GLN B 334 10.66 -4.32 21.85
C GLN B 334 11.20 -5.03 23.08
N ASP B 335 11.94 -4.29 23.90
CA ASP B 335 12.47 -4.79 25.16
C ASP B 335 13.17 -6.13 24.99
N ALA B 336 14.25 -6.13 24.23
CA ALA B 336 15.05 -7.32 23.98
C ALA B 336 16.16 -7.47 25.01
N LEU B 337 16.63 -8.71 25.16
CA LEU B 337 17.72 -9.04 26.06
C LEU B 337 18.70 -10.02 25.41
N VAL B 338 19.95 -9.60 25.24
CA VAL B 338 20.95 -10.44 24.62
C VAL B 338 22.11 -10.67 25.59
N TYR B 339 22.55 -11.93 25.72
CA TYR B 339 23.67 -12.24 26.59
C TYR B 339 24.88 -12.72 25.79
N ILE B 340 26.08 -12.37 26.26
CA ILE B 340 27.30 -12.78 25.58
C ILE B 340 28.29 -13.45 26.53
N GLY B 341 28.97 -14.48 26.05
CA GLY B 341 29.94 -15.21 26.84
C GLY B 341 30.70 -16.24 26.03
N THR B 347 33.29 -13.96 32.86
CA THR B 347 33.09 -12.71 32.13
C THR B 347 31.96 -12.84 31.12
N ARG B 348 30.78 -12.33 31.47
CA ARG B 348 29.63 -12.38 30.59
C ARG B 348 28.94 -11.02 30.48
N LEU B 349 28.68 -10.59 29.24
CA LEU B 349 28.06 -9.28 29.01
C LEU B 349 26.55 -9.36 28.89
N GLU B 350 25.88 -8.31 29.35
CA GLU B 350 24.42 -8.24 29.35
C GLU B 350 23.92 -7.01 28.60
N ALA B 351 23.19 -7.23 27.51
CA ALA B 351 22.67 -6.15 26.69
C ALA B 351 21.15 -6.03 26.75
N LYS B 352 20.66 -4.86 27.14
CA LYS B 352 19.23 -4.58 27.15
C LYS B 352 18.89 -3.59 26.05
N LEU B 353 17.94 -3.95 25.19
CA LEU B 353 17.54 -3.08 24.10
C LEU B 353 16.10 -2.59 24.31
N ASP B 354 15.96 -1.29 24.51
CA ASP B 354 14.65 -0.71 24.80
C ASP B 354 13.71 -0.82 23.62
N PHE B 355 14.22 -0.53 22.43
CA PHE B 355 13.39 -0.53 21.23
C PHE B 355 14.23 -0.63 19.97
N SER B 357 13.83 -0.98 15.52
CA SER B 357 13.01 -0.97 14.32
C SER B 357 13.86 -1.21 13.09
N PHE B 358 13.30 -1.93 12.13
CA PHE B 358 13.94 -2.24 10.87
C PHE B 358 12.95 -1.96 9.76
N SER B 359 13.15 -0.85 9.05
CA SER B 359 12.12 -0.41 8.10
C SER B 359 12.67 0.44 6.96
N SER B 360 11.94 0.45 5.85
CA SER B 360 12.33 1.22 4.67
C SER B 360 12.19 2.72 4.91
N THR B 366 21.44 2.74 -0.09
CA THR B 366 20.64 3.01 1.11
C THR B 366 19.51 2.00 1.25
N SER B 367 19.83 0.86 1.84
CA SER B 367 18.85 -0.21 2.06
C SER B 367 17.88 0.14 3.18
N ARG B 368 17.21 -0.86 3.72
CA ARG B 368 16.30 -0.64 4.84
C ARG B 368 17.12 -0.23 6.08
N LEU B 369 16.59 0.73 6.84
CA LEU B 369 17.29 1.29 7.99
C LEU B 369 17.01 0.58 9.31
N LEU B 370 18.06 0.39 10.10
CA LEU B 370 17.98 -0.21 11.42
C LEU B 370 18.13 0.85 12.52
N ASN B 371 17.00 1.26 13.09
CA ASN B 371 16.98 2.23 14.18
C ASN B 371 16.92 1.58 15.54
N ILE B 372 17.93 1.81 16.36
CA ILE B 372 17.94 1.22 17.69
C ILE B 372 17.97 2.32 18.74
N ASN B 373 17.21 2.14 19.81
CA ASN B 373 17.12 3.13 20.87
C ASN B 373 17.03 2.50 22.26
N GLY B 374 17.82 3.01 23.21
CA GLY B 374 17.73 2.56 24.59
C GLY B 374 18.66 1.42 24.93
N ILE B 375 19.79 1.34 24.24
CA ILE B 375 20.77 0.30 24.47
C ILE B 375 21.52 0.51 25.79
N THR B 376 21.48 -0.51 26.66
CA THR B 376 22.29 -0.47 27.88
C THR B 376 23.10 -1.76 27.98
N VAL B 377 24.42 -1.61 27.99
CA VAL B 377 25.33 -2.74 28.01
C VAL B 377 26.15 -2.80 29.29
N SER B 378 26.23 -3.97 29.90
CA SER B 378 26.96 -4.15 31.14
C SER B 378 27.75 -5.45 31.15
#